data_5Z1Z
#
_entry.id   5Z1Z
#
_cell.length_a   139.600
_cell.length_b   150.490
_cell.length_c   62.760
_cell.angle_alpha   90.00
_cell.angle_beta   90.00
_cell.angle_gamma   90.00
#
_symmetry.space_group_name_H-M   'P 21 21 2'
#
loop_
_entity.id
_entity.type
_entity.pdbx_description
1 polymer 'D-isomer specific 2-hydroxyacid dehydrogenase NAD-binding'
2 non-polymer 'MAGNESIUM ION'
3 non-polymer DI(HYDROXYETHYL)ETHER
4 water water
#
_entity_poly.entity_id   1
_entity_poly.type   'polypeptide(L)'
_entity_poly.pdbx_seq_one_letter_code
;MKLAVYSTKQYDKKYLQQVNESFGFELEFFDFLLTEKTAKTANGCEAVCIFVNDDGSRPVLEELKKHGVKYIALRCAGFN
NVDLDAAKELGLKVVRVPAYDPEAVAEHAIGMMMTLNRRIHRAYQRTRDANFSLEGLTGFTMYGKTAGVIGTGKIGVAML
RILKGFGMRLLAFDPYPSAAALELGVEYVDLPTLFSESDVISLHCPLTPENYHLLNEAAFDQMKNGVMIVNTSRGALIDS
QAAIEALKNQKIGSLGMDVYENERDLFFEDKSNDVIQDDVFRRLSACHNVLFTGHQAFLTAEALTSISQTTLQNLSNLEK
GETCPNELV
;
_entity_poly.pdbx_strand_id   A,B,C,D
#
loop_
_chem_comp.id
_chem_comp.type
_chem_comp.name
_chem_comp.formula
MG non-polymer 'MAGNESIUM ION' 'Mg 2'
PEG non-polymer DI(HYDROXYETHYL)ETHER 'C4 H10 O3'
#
# COMPACT_ATOMS: atom_id res chain seq x y z
N MET A 1 25.32 10.00 -36.37
CA MET A 1 25.38 8.54 -36.12
C MET A 1 24.05 7.96 -35.61
N LYS A 2 23.93 6.63 -35.64
CA LYS A 2 22.79 5.92 -35.15
C LYS A 2 23.18 5.05 -33.91
N LEU A 3 22.41 5.19 -32.84
CA LEU A 3 22.72 4.65 -31.52
C LEU A 3 21.61 3.77 -31.04
N ALA A 4 21.93 2.54 -30.72
CA ALA A 4 21.00 1.59 -30.15
C ALA A 4 21.20 1.58 -28.63
N VAL A 5 20.11 1.80 -27.89
CA VAL A 5 20.17 1.93 -26.43
C VAL A 5 19.49 0.70 -25.88
N TYR A 6 20.26 -0.09 -25.13
CA TYR A 6 19.72 -1.28 -24.49
C TYR A 6 19.32 -1.05 -23.03
N SER A 7 18.51 -1.95 -22.50
CA SER A 7 18.01 -1.88 -21.09
C SER A 7 17.38 -0.55 -20.77
N THR A 8 16.66 0.02 -21.77
CA THR A 8 16.16 1.38 -21.67
C THR A 8 14.98 1.44 -20.71
N LYS A 9 15.08 2.33 -19.73
CA LYS A 9 13.96 2.68 -18.90
C LYS A 9 13.45 4.01 -19.35
N GLN A 10 12.25 4.34 -18.89
CA GLN A 10 11.56 5.56 -19.30
C GLN A 10 12.43 6.80 -19.09
N TYR A 11 13.08 6.88 -17.94
CA TYR A 11 13.90 8.05 -17.63
C TYR A 11 15.18 8.08 -18.49
N ASP A 12 15.78 6.91 -18.78
CA ASP A 12 16.90 6.86 -19.75
C ASP A 12 16.46 7.52 -21.07
N LYS A 13 15.31 7.07 -21.58
CA LYS A 13 14.80 7.60 -22.84
C LYS A 13 14.57 9.10 -22.75
N LYS A 14 13.96 9.56 -21.65
CA LYS A 14 13.61 10.96 -21.51
C LYS A 14 14.86 11.84 -21.59
N TYR A 15 15.91 11.50 -20.82
CA TYR A 15 17.08 12.38 -20.77
C TYR A 15 17.98 12.22 -21.98
N LEU A 16 18.07 11.01 -22.54
CA LEU A 16 18.84 10.88 -23.75
C LEU A 16 18.16 11.68 -24.87
N GLN A 17 16.85 11.57 -24.98
CA GLN A 17 16.12 12.39 -25.98
C GLN A 17 16.39 13.87 -25.77
N GLN A 18 16.19 14.33 -24.54
CA GLN A 18 16.35 15.74 -24.25
C GLN A 18 17.72 16.19 -24.70
N VAL A 19 18.73 15.47 -24.20
CA VAL A 19 20.09 15.93 -24.44
C VAL A 19 20.43 15.81 -25.94
N ASN A 20 19.83 14.83 -26.59
CA ASN A 20 20.12 14.60 -27.98
C ASN A 20 19.59 15.70 -28.94
N GLU A 21 18.72 16.50 -28.44
CA GLU A 21 18.25 17.64 -29.20
C GLU A 21 19.42 18.50 -29.71
N SER A 22 20.53 18.56 -28.99
CA SER A 22 21.70 19.32 -29.46
C SER A 22 22.75 18.49 -30.18
N PHE A 23 22.58 17.17 -30.28
CA PHE A 23 23.53 16.32 -31.00
C PHE A 23 22.92 15.79 -32.29
N GLY A 24 21.61 15.50 -32.30
CA GLY A 24 20.97 15.00 -33.52
C GLY A 24 21.31 13.57 -33.94
N PHE A 25 21.75 12.70 -33.00
CA PHE A 25 21.92 11.29 -33.32
C PHE A 25 20.58 10.66 -33.62
N GLU A 26 20.57 9.58 -34.36
CA GLU A 26 19.32 8.82 -34.52
C GLU A 26 19.34 7.77 -33.44
N LEU A 27 18.31 7.80 -32.58
CA LEU A 27 18.30 7.01 -31.40
C LEU A 27 17.32 5.88 -31.56
N GLU A 28 17.72 4.71 -31.14
CA GLU A 28 16.87 3.58 -31.20
C GLU A 28 16.82 2.94 -29.82
N PHE A 29 15.64 2.91 -29.22
CA PHE A 29 15.51 2.52 -27.83
C PHE A 29 14.94 1.12 -27.70
N PHE A 30 15.68 0.26 -27.06
CA PHE A 30 15.21 -1.05 -26.80
C PHE A 30 15.10 -1.24 -25.27
N ASP A 31 14.00 -1.84 -24.83
CA ASP A 31 13.81 -2.03 -23.39
C ASP A 31 14.48 -3.30 -22.87
N PHE A 32 14.99 -4.16 -23.77
CA PHE A 32 15.53 -5.46 -23.35
C PHE A 32 17.04 -5.43 -23.21
N LEU A 33 17.57 -6.46 -22.58
CA LEU A 33 19.00 -6.63 -22.32
C LEU A 33 19.76 -6.92 -23.59
N LEU A 34 20.95 -6.37 -23.71
CA LEU A 34 21.89 -6.81 -24.72
C LEU A 34 22.40 -8.17 -24.29
N THR A 35 22.25 -9.18 -25.17
CA THR A 35 22.80 -10.50 -25.02
C THR A 35 23.32 -10.93 -26.39
N GLU A 36 23.95 -12.08 -26.41
CA GLU A 36 24.48 -12.63 -27.68
C GLU A 36 23.37 -12.78 -28.72
N LYS A 37 22.16 -13.07 -28.28
CA LYS A 37 20.99 -13.25 -29.14
C LYS A 37 20.36 -11.98 -29.59
N THR A 38 20.42 -10.91 -28.78
CA THR A 38 19.82 -9.62 -29.18
C THR A 38 20.81 -8.66 -29.79
N ALA A 39 22.09 -9.00 -29.79
CA ALA A 39 23.08 -8.10 -30.38
C ALA A 39 22.79 -7.78 -31.85
N LYS A 40 22.22 -8.75 -32.58
CA LYS A 40 21.87 -8.53 -33.97
C LYS A 40 20.91 -7.41 -34.17
N THR A 41 20.20 -6.99 -33.10
CA THR A 41 19.27 -5.89 -33.22
C THR A 41 19.95 -4.57 -33.40
N ALA A 42 21.24 -4.50 -33.12
CA ALA A 42 22.01 -3.27 -33.31
C ALA A 42 22.46 -3.09 -34.76
N ASN A 43 22.10 -4.00 -35.66
CA ASN A 43 22.55 -3.86 -37.05
C ASN A 43 22.15 -2.51 -37.68
N GLY A 44 23.10 -1.78 -38.22
CA GLY A 44 22.80 -0.44 -38.82
C GLY A 44 23.15 0.67 -37.87
N CYS A 45 23.49 0.34 -36.64
CA CYS A 45 23.93 1.35 -35.71
C CYS A 45 25.45 1.31 -35.59
N GLU A 46 26.10 2.47 -35.51
CA GLU A 46 27.52 2.49 -35.22
C GLU A 46 27.84 2.32 -33.76
N ALA A 47 26.85 2.60 -32.90
CA ALA A 47 27.09 2.64 -31.46
C ALA A 47 25.95 1.93 -30.71
N VAL A 48 26.30 1.34 -29.56
CA VAL A 48 25.32 0.92 -28.59
C VAL A 48 25.56 1.61 -27.27
N CYS A 49 24.50 1.74 -26.50
CA CYS A 49 24.58 2.34 -25.20
C CYS A 49 23.98 1.35 -24.24
N ILE A 50 24.79 0.95 -23.25
CA ILE A 50 24.41 -0.13 -22.33
C ILE A 50 24.57 0.32 -20.87
N PHE A 51 23.98 -0.45 -19.97
CA PHE A 51 23.97 -0.16 -18.57
C PHE A 51 24.43 -1.45 -17.84
N VAL A 52 24.18 -1.59 -16.55
CA VAL A 52 24.99 -2.56 -15.74
C VAL A 52 24.62 -4.04 -15.95
N ASN A 53 23.37 -4.37 -16.36
CA ASN A 53 22.98 -5.74 -16.57
C ASN A 53 23.17 -6.22 -18.00
N ASP A 54 23.55 -5.35 -18.91
CA ASP A 54 23.76 -5.77 -20.30
C ASP A 54 25.01 -6.58 -20.43
N ASP A 55 25.00 -7.57 -21.33
CA ASP A 55 26.12 -8.49 -21.47
C ASP A 55 27.11 -8.00 -22.47
N GLY A 56 28.25 -7.58 -22.00
CA GLY A 56 29.35 -7.23 -22.87
C GLY A 56 30.50 -8.22 -22.90
N SER A 57 30.22 -9.52 -22.69
CA SER A 57 31.27 -10.56 -22.82
C SER A 57 31.65 -10.74 -24.28
N ARG A 58 32.79 -11.38 -24.54
CA ARG A 58 33.35 -11.51 -25.89
C ARG A 58 32.35 -11.98 -26.95
N PRO A 59 31.56 -13.03 -26.68
CA PRO A 59 30.68 -13.52 -27.77
C PRO A 59 29.65 -12.44 -28.17
N VAL A 60 29.22 -11.60 -27.22
CA VAL A 60 28.35 -10.48 -27.58
C VAL A 60 29.11 -9.45 -28.39
N LEU A 61 30.30 -9.09 -27.97
CA LEU A 61 31.10 -8.11 -28.69
C LEU A 61 31.45 -8.57 -30.10
N GLU A 62 31.62 -9.87 -30.27
CA GLU A 62 31.88 -10.40 -31.59
C GLU A 62 30.68 -10.23 -32.47
N GLU A 63 29.53 -10.52 -31.90
CA GLU A 63 28.31 -10.35 -32.65
C GLU A 63 28.07 -8.83 -32.99
N LEU A 64 28.32 -7.92 -32.05
CA LEU A 64 28.21 -6.47 -32.33
C LEU A 64 29.13 -6.03 -33.53
N LYS A 65 30.38 -6.43 -33.47
CA LYS A 65 31.31 -6.10 -34.54
C LYS A 65 30.83 -6.68 -35.87
N LYS A 66 30.37 -7.93 -35.90
CA LYS A 66 29.85 -8.48 -37.13
C LYS A 66 28.70 -7.70 -37.69
N HIS A 67 27.93 -7.01 -36.83
CA HIS A 67 26.82 -6.28 -37.30
C HIS A 67 27.10 -4.82 -37.56
N GLY A 68 28.38 -4.44 -37.56
CA GLY A 68 28.76 -3.08 -37.91
C GLY A 68 28.92 -2.11 -36.77
N VAL A 69 28.77 -2.57 -35.54
CA VAL A 69 29.03 -1.69 -34.40
C VAL A 69 30.51 -1.37 -34.18
N LYS A 70 30.83 -0.11 -33.89
CA LYS A 70 32.15 0.36 -33.56
C LYS A 70 32.40 0.83 -32.17
N TYR A 71 31.34 1.32 -31.49
CA TYR A 71 31.46 2.01 -30.22
C TYR A 71 30.45 1.49 -29.20
N ILE A 72 30.90 1.34 -27.97
CA ILE A 72 30.12 0.91 -26.87
C ILE A 72 30.18 1.96 -25.82
N ALA A 73 29.03 2.48 -25.42
CA ALA A 73 29.00 3.50 -24.42
C ALA A 73 28.23 3.01 -23.21
N LEU A 74 28.92 2.95 -22.08
CA LEU A 74 28.31 2.61 -20.80
C LEU A 74 27.75 3.90 -20.21
N ARG A 75 26.45 3.92 -19.93
CA ARG A 75 25.82 5.13 -19.33
C ARG A 75 25.86 4.99 -17.78
N CYS A 76 27.06 4.68 -17.32
CA CYS A 76 27.31 4.31 -15.92
C CYS A 76 28.79 4.30 -15.71
N ALA A 77 29.20 4.16 -14.43
CA ALA A 77 30.64 4.16 -14.10
C ALA A 77 31.24 2.76 -14.10
N GLY A 78 30.46 1.78 -13.68
CA GLY A 78 30.93 0.36 -13.67
C GLY A 78 31.06 -0.25 -15.05
N PHE A 79 32.06 -1.10 -15.23
CA PHE A 79 32.36 -1.69 -16.53
C PHE A 79 32.71 -3.18 -16.40
N ASN A 80 32.32 -3.76 -15.28
CA ASN A 80 32.47 -5.18 -14.93
C ASN A 80 31.80 -6.15 -15.93
N ASN A 81 30.73 -5.70 -16.57
CA ASN A 81 29.99 -6.47 -17.55
C ASN A 81 30.55 -6.43 -18.96
N VAL A 82 31.64 -5.69 -19.19
CA VAL A 82 32.22 -5.61 -20.47
C VAL A 82 33.65 -6.18 -20.47
N ASP A 83 33.94 -7.05 -21.43
CA ASP A 83 35.30 -7.60 -21.62
C ASP A 83 36.15 -6.63 -22.45
N LEU A 84 36.91 -5.82 -21.73
CA LEU A 84 37.70 -4.75 -22.35
C LEU A 84 38.87 -5.21 -23.15
N ASP A 85 39.48 -6.33 -22.77
CA ASP A 85 40.53 -6.93 -23.61
C ASP A 85 39.94 -7.35 -24.91
N ALA A 86 38.81 -8.07 -24.83
CA ALA A 86 38.20 -8.59 -26.10
C ALA A 86 37.77 -7.39 -26.96
N ALA A 87 37.21 -6.37 -26.30
CA ALA A 87 36.81 -5.16 -27.07
C ALA A 87 38.04 -4.61 -27.79
N LYS A 88 39.15 -4.51 -27.07
CA LYS A 88 40.37 -3.92 -27.66
C LYS A 88 40.84 -4.76 -28.82
N GLU A 89 40.90 -6.08 -28.63
CA GLU A 89 41.32 -7.00 -29.75
C GLU A 89 40.43 -6.88 -30.97
N LEU A 90 39.13 -6.69 -30.74
CA LEU A 90 38.20 -6.60 -31.87
C LEU A 90 38.21 -5.21 -32.47
N GLY A 91 38.94 -4.27 -31.91
CA GLY A 91 38.92 -2.89 -32.49
C GLY A 91 37.70 -2.02 -32.09
N LEU A 92 36.95 -2.43 -31.06
CA LEU A 92 35.80 -1.68 -30.57
C LEU A 92 36.23 -0.69 -29.53
N LYS A 93 35.65 0.52 -29.55
CA LYS A 93 35.93 1.53 -28.51
C LYS A 93 34.90 1.38 -27.37
N VAL A 94 35.31 1.63 -26.13
CA VAL A 94 34.42 1.55 -25.00
C VAL A 94 34.59 2.85 -24.22
N VAL A 95 33.47 3.53 -23.99
CA VAL A 95 33.46 4.73 -23.18
C VAL A 95 32.50 4.58 -22.02
N ARG A 96 32.65 5.44 -21.01
CA ARG A 96 31.83 5.38 -19.86
C ARG A 96 31.62 6.76 -19.23
N VAL A 97 30.82 6.78 -18.20
CA VAL A 97 30.56 7.98 -17.39
C VAL A 97 31.37 7.83 -16.13
N PRO A 98 32.37 8.68 -15.93
CA PRO A 98 33.36 8.45 -14.85
C PRO A 98 32.81 8.49 -13.38
N ALA A 99 31.87 9.34 -13.08
CA ALA A 99 31.20 9.33 -11.75
C ALA A 99 29.81 10.01 -11.77
N TYR A 100 28.98 9.69 -10.79
CA TYR A 100 27.68 10.30 -10.60
C TYR A 100 27.81 11.53 -9.66
N ASP A 101 27.07 12.57 -9.91
CA ASP A 101 26.80 13.72 -9.05
C ASP A 101 26.86 13.28 -7.58
N PRO A 102 27.92 13.60 -6.85
CA PRO A 102 28.04 13.14 -5.49
C PRO A 102 26.93 13.71 -4.54
N GLU A 103 26.48 14.93 -4.80
CA GLU A 103 25.41 15.50 -4.04
C GLU A 103 24.11 14.69 -4.22
N ALA A 104 23.78 14.26 -5.46
CA ALA A 104 22.53 13.47 -5.69
C ALA A 104 22.53 12.24 -4.82
N VAL A 105 23.68 11.59 -4.72
CA VAL A 105 23.82 10.36 -3.95
C VAL A 105 23.71 10.61 -2.46
N ALA A 106 24.44 11.63 -1.94
CA ALA A 106 24.36 11.94 -0.54
C ALA A 106 22.96 12.37 -0.12
N GLU A 107 22.27 13.14 -0.96
CA GLU A 107 21.00 13.57 -0.71
C GLU A 107 19.99 12.39 -0.64
N HIS A 108 20.19 11.41 -1.49
CA HIS A 108 19.39 10.23 -1.40
C HIS A 108 19.62 9.49 -0.10
N ALA A 109 20.85 9.47 0.40
CA ALA A 109 21.13 8.82 1.64
C ALA A 109 20.47 9.52 2.79
N ILE A 110 20.55 10.85 2.84
CA ILE A 110 19.87 11.55 3.88
C ILE A 110 18.35 11.40 3.78
N GLY A 111 17.84 11.37 2.55
CA GLY A 111 16.44 11.17 2.30
C GLY A 111 15.99 9.83 2.90
N MET A 112 16.74 8.78 2.58
CA MET A 112 16.53 7.45 3.22
C MET A 112 16.55 7.53 4.73
N MET A 113 17.56 8.19 5.28
CA MET A 113 17.71 8.27 6.73
C MET A 113 16.46 8.93 7.38
N MET A 114 16.05 10.07 6.87
CA MET A 114 14.97 10.80 7.50
C MET A 114 13.61 10.14 7.28
N THR A 115 13.43 9.55 6.11
CA THR A 115 12.26 8.73 5.88
C THR A 115 12.15 7.64 6.90
N LEU A 116 13.26 6.96 7.15
CA LEU A 116 13.32 5.94 8.16
C LEU A 116 13.14 6.49 9.55
N ASN A 117 13.84 7.56 9.88
CA ASN A 117 13.75 8.13 11.21
C ASN A 117 12.30 8.47 11.60
N ARG A 118 11.67 9.26 10.75
CA ARG A 118 10.32 9.74 11.01
C ARG A 118 9.20 8.83 10.50
N ARG A 119 9.58 7.65 10.02
CA ARG A 119 8.64 6.69 9.42
C ARG A 119 7.68 7.28 8.41
N ILE A 120 8.19 8.17 7.58
CA ILE A 120 7.35 8.91 6.68
C ILE A 120 6.76 7.98 5.62
N HIS A 121 7.50 6.96 5.25
CA HIS A 121 6.99 5.94 4.33
C HIS A 121 5.74 5.22 4.89
N ARG A 122 5.75 4.95 6.19
CA ARG A 122 4.58 4.35 6.91
C ARG A 122 3.49 5.35 7.09
N ALA A 123 3.86 6.60 7.37
CA ALA A 123 2.88 7.62 7.46
C ALA A 123 2.07 7.78 6.22
N TYR A 124 2.69 7.88 5.08
CA TYR A 124 2.00 8.03 3.84
C TYR A 124 1.03 6.89 3.52
N GLN A 125 1.44 5.67 3.81
CA GLN A 125 0.53 4.53 3.69
C GLN A 125 -0.72 4.73 4.47
N ARG A 126 -0.61 5.30 5.66
CA ARG A 126 -1.77 5.61 6.49
C ARG A 126 -2.57 6.78 5.96
N THR A 127 -1.91 7.92 5.85
CA THR A 127 -2.62 9.14 5.42
C THR A 127 -3.21 9.10 4.00
N ARG A 128 -2.68 8.35 3.06
CA ARG A 128 -3.28 8.36 1.70
C ARG A 128 -4.70 7.72 1.80
N ASP A 129 -4.94 6.98 2.87
CA ASP A 129 -6.26 6.45 3.17
C ASP A 129 -6.85 7.10 4.44
N ALA A 130 -6.49 8.38 4.67
CA ALA A 130 -7.04 9.18 5.75
C ALA A 130 -6.94 8.55 7.16
N ASN A 131 -5.92 7.72 7.41
CA ASN A 131 -5.63 7.30 8.79
C ASN A 131 -4.45 8.21 9.34
N PHE A 132 -4.75 8.97 10.35
CA PHE A 132 -3.87 9.96 10.92
C PHE A 132 -3.36 9.48 12.26
N SER A 133 -3.48 8.18 12.55
CA SER A 133 -2.82 7.67 13.79
C SER A 133 -1.27 7.81 13.65
N LEU A 134 -0.62 8.21 14.74
CA LEU A 134 0.85 8.39 14.84
C LEU A 134 1.50 7.25 15.65
N GLU A 135 0.71 6.30 16.16
CA GLU A 135 1.32 5.19 16.93
C GLU A 135 2.34 4.40 16.07
N GLY A 136 3.46 4.06 16.67
CA GLY A 136 4.60 3.47 15.96
C GLY A 136 5.49 4.40 15.12
N LEU A 137 5.14 5.68 14.96
CA LEU A 137 5.85 6.57 14.02
C LEU A 137 6.88 7.45 14.72
N THR A 138 7.11 7.22 16.01
CA THR A 138 8.01 8.07 16.79
C THR A 138 9.43 7.94 16.26
N GLY A 139 10.09 9.08 16.06
CA GLY A 139 11.49 9.07 15.59
C GLY A 139 12.41 9.62 16.64
N PHE A 140 13.53 10.18 16.20
CA PHE A 140 14.49 10.75 17.11
C PHE A 140 15.00 12.01 16.53
N THR A 141 15.21 12.94 17.41
CA THR A 141 15.78 14.25 17.05
C THR A 141 17.24 14.04 16.67
N MET A 142 17.63 14.52 15.50
CA MET A 142 19.01 14.27 14.98
C MET A 142 20.02 15.21 15.62
N TYR A 143 19.60 16.45 15.84
CA TYR A 143 20.41 17.47 16.43
C TYR A 143 21.14 16.96 17.67
N GLY A 144 22.46 17.05 17.67
CA GLY A 144 23.19 16.69 18.90
C GLY A 144 23.51 15.22 19.01
N LYS A 145 23.04 14.39 18.10
CA LYS A 145 23.48 13.03 18.05
C LYS A 145 24.82 12.94 17.28
N THR A 146 25.33 11.73 17.15
CA THR A 146 26.58 11.48 16.48
C THR A 146 26.37 10.65 15.20
N ALA A 147 26.97 11.13 14.11
CA ALA A 147 26.89 10.48 12.80
C ALA A 147 28.25 9.97 12.44
N GLY A 148 28.29 8.75 11.95
CA GLY A 148 29.52 8.16 11.42
C GLY A 148 29.43 7.89 9.97
N VAL A 149 30.36 8.46 9.23
CA VAL A 149 30.44 8.28 7.79
C VAL A 149 31.66 7.43 7.49
N ILE A 150 31.44 6.33 6.79
CA ILE A 150 32.52 5.43 6.40
C ILE A 150 32.84 5.65 4.95
N GLY A 151 33.99 6.25 4.70
CA GLY A 151 34.47 6.66 3.40
C GLY A 151 34.26 8.17 3.24
N THR A 152 35.35 8.92 2.99
CA THR A 152 35.30 10.38 2.84
C THR A 152 35.81 10.88 1.47
N GLY A 153 35.45 10.15 0.41
CA GLY A 153 35.52 10.64 -0.98
C GLY A 153 34.52 11.79 -1.17
N LYS A 154 34.31 12.20 -2.39
CA LYS A 154 33.35 13.27 -2.65
C LYS A 154 31.93 13.01 -2.11
N ILE A 155 31.44 11.78 -2.22
CA ILE A 155 30.07 11.49 -1.79
C ILE A 155 30.02 11.64 -0.25
N GLY A 156 30.94 11.00 0.47
CA GLY A 156 31.00 11.04 1.88
C GLY A 156 31.13 12.42 2.44
N VAL A 157 31.91 13.24 1.79
CA VAL A 157 32.06 14.67 2.21
C VAL A 157 30.77 15.40 1.97
N ALA A 158 30.13 15.14 0.83
CA ALA A 158 28.79 15.73 0.56
C ALA A 158 27.80 15.35 1.65
N MET A 159 27.89 14.11 2.13
CA MET A 159 27.05 13.64 3.22
C MET A 159 27.37 14.30 4.53
N LEU A 160 28.67 14.46 4.83
CA LEU A 160 29.07 15.18 6.04
C LEU A 160 28.66 16.63 6.10
N ARG A 161 28.67 17.30 4.96
CA ARG A 161 28.12 18.66 4.90
C ARG A 161 26.69 18.73 5.29
N ILE A 162 25.88 17.82 4.74
CA ILE A 162 24.47 17.75 5.17
C ILE A 162 24.35 17.49 6.68
N LEU A 163 25.09 16.52 7.21
CA LEU A 163 24.96 16.07 8.57
C LEU A 163 25.42 17.15 9.48
N LYS A 164 26.42 17.91 9.04
CA LYS A 164 26.82 19.12 9.83
C LYS A 164 25.64 20.06 9.96
N GLY A 165 24.89 20.23 8.89
CA GLY A 165 23.70 21.09 8.87
C GLY A 165 22.63 20.64 9.90
N PHE A 166 22.54 19.31 10.13
CA PHE A 166 21.65 18.82 11.20
C PHE A 166 22.19 19.04 12.63
N GLY A 167 23.42 19.51 12.79
CA GLY A 167 23.96 19.84 14.10
C GLY A 167 24.42 18.58 14.84
N MET A 168 24.93 17.63 14.08
CA MET A 168 25.38 16.37 14.61
C MET A 168 26.88 16.40 14.85
N ARG A 169 27.31 15.53 15.73
CA ARG A 169 28.74 15.33 15.94
C ARG A 169 29.23 14.37 14.89
N LEU A 170 30.29 14.74 14.21
CA LEU A 170 30.69 14.09 12.97
C LEU A 170 31.96 13.27 13.16
N LEU A 171 31.80 11.97 12.99
CA LEU A 171 32.89 11.02 12.98
C LEU A 171 32.99 10.45 11.59
N ALA A 172 34.21 10.14 11.17
CA ALA A 172 34.44 9.43 9.96
C ALA A 172 35.58 8.40 10.09
N PHE A 173 35.53 7.42 9.18
CA PHE A 173 36.60 6.51 8.97
C PHE A 173 36.94 6.52 7.53
N ASP A 174 38.24 6.67 7.26
CA ASP A 174 38.76 6.53 5.93
C ASP A 174 40.30 6.32 6.16
N PRO A 175 40.91 5.39 5.43
CA PRO A 175 42.37 5.30 5.50
C PRO A 175 43.06 6.65 5.32
N TYR A 176 42.58 7.47 4.41
CA TYR A 176 43.16 8.79 4.15
C TYR A 176 42.32 9.99 4.54
N PRO A 177 42.66 10.67 5.61
CA PRO A 177 41.90 11.84 6.01
C PRO A 177 41.80 12.89 4.88
N SER A 178 40.60 13.41 4.62
CA SER A 178 40.37 14.38 3.54
C SER A 178 40.34 15.76 4.17
N ALA A 179 40.99 16.74 3.52
CA ALA A 179 41.07 18.12 4.05
C ALA A 179 39.68 18.72 4.15
N ALA A 180 38.87 18.48 3.13
CA ALA A 180 37.52 19.03 3.05
C ALA A 180 36.69 18.56 4.22
N ALA A 181 36.85 17.31 4.63
CA ALA A 181 36.18 16.81 5.82
C ALA A 181 36.64 17.51 7.08
N LEU A 182 37.94 17.76 7.19
CA LEU A 182 38.45 18.33 8.41
C LEU A 182 37.96 19.71 8.59
N GLU A 183 37.84 20.47 7.53
CA GLU A 183 37.28 21.80 7.69
C GLU A 183 35.80 21.81 8.12
N LEU A 184 35.09 20.68 8.00
CA LEU A 184 33.71 20.56 8.55
C LEU A 184 33.73 20.21 10.04
N GLY A 185 34.91 19.99 10.62
CA GLY A 185 35.00 19.62 12.02
C GLY A 185 34.93 18.14 12.26
N VAL A 186 35.10 17.33 11.24
CA VAL A 186 34.98 15.89 11.37
C VAL A 186 36.13 15.33 12.17
N GLU A 187 35.84 14.40 13.06
CA GLU A 187 36.89 13.69 13.73
C GLU A 187 37.06 12.31 13.11
N TYR A 188 38.24 12.05 12.56
CA TYR A 188 38.52 10.72 12.05
C TYR A 188 38.78 9.80 13.21
N VAL A 189 38.25 8.58 13.15
CA VAL A 189 38.41 7.63 14.22
C VAL A 189 38.57 6.29 13.60
N ASP A 190 38.85 5.29 14.41
CA ASP A 190 38.91 3.92 13.90
C ASP A 190 37.50 3.33 13.88
N LEU A 191 37.33 2.28 13.11
CA LEU A 191 36.03 1.66 12.99
C LEU A 191 35.37 1.29 14.31
N PRO A 192 36.10 0.68 15.25
CA PRO A 192 35.48 0.36 16.55
C PRO A 192 34.91 1.56 17.31
N THR A 193 35.59 2.69 17.24
CA THR A 193 35.09 3.91 17.90
C THR A 193 33.86 4.40 17.10
N LEU A 194 33.91 4.33 15.78
CA LEU A 194 32.79 4.78 14.96
C LEU A 194 31.55 3.96 15.33
N PHE A 195 31.67 2.63 15.29
CA PHE A 195 30.59 1.72 15.59
C PHE A 195 29.97 2.00 16.97
N SER A 196 30.83 2.26 17.96
CA SER A 196 30.34 2.33 19.33
C SER A 196 29.77 3.67 19.68
N GLU A 197 30.25 4.72 19.05
CA GLU A 197 29.80 6.09 19.31
C GLU A 197 28.64 6.59 18.37
N SER A 198 28.34 5.93 17.26
CA SER A 198 27.49 6.53 16.23
C SER A 198 26.01 6.19 16.43
N ASP A 199 25.17 7.22 16.37
CA ASP A 199 23.70 7.03 16.37
C ASP A 199 23.20 6.68 14.99
N VAL A 200 23.86 7.22 13.95
CA VAL A 200 23.53 6.94 12.57
C VAL A 200 24.87 6.68 11.84
N ILE A 201 24.85 5.77 10.90
CA ILE A 201 26.04 5.38 10.13
C ILE A 201 25.63 5.31 8.68
N SER A 202 26.47 5.91 7.80
CA SER A 202 26.18 5.93 6.39
C SER A 202 27.46 5.56 5.65
N LEU A 203 27.33 4.63 4.72
CA LEU A 203 28.47 4.12 3.95
C LEU A 203 28.61 4.80 2.62
N HIS A 204 29.82 5.32 2.36
CA HIS A 204 30.15 6.01 1.12
C HIS A 204 31.57 5.64 0.60
N CYS A 205 31.78 4.39 0.42
CA CYS A 205 33.12 3.87 0.13
C CYS A 205 33.03 2.83 -0.97
N PRO A 206 34.10 2.73 -1.78
CA PRO A 206 34.09 1.71 -2.83
C PRO A 206 34.23 0.37 -2.19
N LEU A 207 33.75 -0.66 -2.89
CA LEU A 207 33.92 -2.03 -2.45
C LEU A 207 35.33 -2.49 -2.82
N THR A 208 36.09 -2.90 -1.82
CA THR A 208 37.43 -3.41 -1.99
C THR A 208 37.47 -4.76 -1.29
N PRO A 209 38.50 -5.55 -1.57
CA PRO A 209 38.72 -6.73 -0.77
C PRO A 209 38.69 -6.49 0.72
N GLU A 210 39.33 -5.44 1.21
CA GLU A 210 39.47 -5.33 2.68
C GLU A 210 38.17 -4.90 3.37
N ASN A 211 37.26 -4.28 2.64
CA ASN A 211 36.01 -3.86 3.27
C ASN A 211 34.79 -4.68 2.81
N TYR A 212 35.03 -5.72 2.04
CA TYR A 212 33.99 -6.70 1.74
C TYR A 212 33.44 -7.24 3.07
N HIS A 213 32.11 -7.32 3.17
CA HIS A 213 31.40 -7.61 4.42
C HIS A 213 31.89 -6.81 5.61
N LEU A 214 32.28 -5.57 5.39
CA LEU A 214 32.73 -4.72 6.51
C LEU A 214 31.78 -4.68 7.69
N LEU A 215 30.47 -4.63 7.40
CA LEU A 215 29.47 -4.62 8.46
C LEU A 215 28.95 -6.02 8.62
N ASN A 216 29.55 -6.71 9.57
CA ASN A 216 29.30 -8.11 9.87
C ASN A 216 28.93 -8.22 11.33
N GLU A 217 28.77 -9.46 11.81
CA GLU A 217 28.32 -9.69 13.17
C GLU A 217 29.15 -8.93 14.18
N ALA A 218 30.47 -8.92 14.00
CA ALA A 218 31.38 -8.26 14.98
C ALA A 218 31.19 -6.74 15.03
N ALA A 219 30.96 -6.16 13.85
CA ALA A 219 30.62 -4.75 13.71
C ALA A 219 29.32 -4.47 14.44
N PHE A 220 28.26 -5.18 14.06
CA PHE A 220 26.95 -4.93 14.69
C PHE A 220 26.96 -5.08 16.20
N ASP A 221 27.70 -6.11 16.63
CA ASP A 221 27.96 -6.39 18.05
C ASP A 221 28.36 -5.11 18.80
N GLN A 222 29.19 -4.28 18.18
CA GLN A 222 29.75 -3.09 18.84
C GLN A 222 28.88 -1.83 18.74
N MET A 223 27.86 -1.85 17.89
CA MET A 223 27.06 -0.64 17.63
C MET A 223 26.07 -0.37 18.73
N LYS A 224 25.54 0.83 18.80
CA LYS A 224 24.50 1.14 19.77
C LYS A 224 23.17 0.52 19.40
N ASN A 225 22.40 0.12 20.39
CA ASN A 225 21.08 -0.44 20.13
C ASN A 225 20.19 0.62 19.50
N GLY A 226 19.52 0.25 18.44
CA GLY A 226 18.65 1.23 17.78
C GLY A 226 19.41 2.04 16.72
N VAL A 227 20.68 1.70 16.48
CA VAL A 227 21.45 2.40 15.49
C VAL A 227 20.70 2.45 14.15
N MET A 228 20.84 3.56 13.47
CA MET A 228 20.36 3.70 12.10
C MET A 228 21.50 3.55 11.08
N ILE A 229 21.31 2.70 10.09
CA ILE A 229 22.30 2.41 9.08
C ILE A 229 21.68 2.66 7.71
N VAL A 230 22.42 3.37 6.87
CA VAL A 230 22.07 3.60 5.49
C VAL A 230 23.22 3.21 4.56
N ASN A 231 22.91 2.41 3.56
CA ASN A 231 23.88 2.02 2.54
C ASN A 231 23.46 2.40 1.18
N THR A 232 24.00 3.50 0.71
CA THR A 232 23.88 3.83 -0.73
C THR A 232 25.14 3.36 -1.52
N SER A 233 26.08 2.73 -0.85
CA SER A 233 27.23 2.15 -1.62
C SER A 233 26.89 0.70 -1.97
N ARG A 234 27.87 -0.05 -2.49
CA ARG A 234 27.60 -1.44 -2.86
C ARG A 234 27.07 -2.32 -1.74
N GLY A 235 26.13 -3.20 -2.11
CA GLY A 235 25.45 -4.07 -1.12
C GLY A 235 26.42 -4.97 -0.31
N ALA A 236 27.52 -5.40 -0.94
CA ALA A 236 28.45 -6.36 -0.30
C ALA A 236 29.25 -5.77 0.85
N LEU A 237 29.20 -4.45 1.05
CA LEU A 237 29.79 -3.86 2.22
C LEU A 237 29.09 -4.37 3.46
N ILE A 238 27.90 -4.92 3.28
CA ILE A 238 27.16 -5.44 4.43
C ILE A 238 26.98 -6.94 4.28
N ASP A 239 27.17 -7.67 5.36
CA ASP A 239 26.87 -9.12 5.44
C ASP A 239 25.38 -9.22 5.74
N SER A 240 24.60 -9.49 4.69
CA SER A 240 23.13 -9.50 4.74
C SER A 240 22.62 -10.37 5.92
N GLN A 241 23.19 -11.58 6.06
CA GLN A 241 22.78 -12.52 7.12
C GLN A 241 22.99 -11.95 8.50
N ALA A 242 24.13 -11.33 8.72
CA ALA A 242 24.39 -10.67 10.02
C ALA A 242 23.45 -9.48 10.28
N ALA A 243 23.15 -8.70 9.24
CA ALA A 243 22.23 -7.54 9.37
C ALA A 243 20.84 -7.99 9.81
N ILE A 244 20.31 -9.01 9.14
CA ILE A 244 18.98 -9.55 9.47
C ILE A 244 18.95 -10.01 10.94
N GLU A 245 20.00 -10.73 11.35
CA GLU A 245 20.08 -11.21 12.73
C GLU A 245 20.15 -10.01 13.69
N ALA A 246 20.94 -8.97 13.33
CA ALA A 246 20.98 -7.77 14.19
C ALA A 246 19.67 -6.98 14.18
N LEU A 247 18.92 -7.13 13.11
CA LEU A 247 17.58 -6.52 13.08
C LEU A 247 16.67 -7.28 14.05
N LYS A 248 16.60 -8.59 13.87
CA LYS A 248 15.72 -9.41 14.75
C LYS A 248 16.06 -9.21 16.19
N ASN A 249 17.33 -9.34 16.55
CA ASN A 249 17.68 -9.07 17.98
C ASN A 249 17.61 -7.59 18.36
N GLN A 250 17.20 -6.69 17.47
CA GLN A 250 17.01 -5.28 17.81
C GLN A 250 18.27 -4.45 18.15
N LYS A 251 19.41 -4.86 17.60
CA LYS A 251 20.59 -4.03 17.63
C LYS A 251 20.40 -2.86 16.61
N ILE A 252 20.06 -3.21 15.38
CA ILE A 252 19.77 -2.21 14.34
C ILE A 252 18.34 -1.71 14.51
N GLY A 253 18.19 -0.43 14.70
CA GLY A 253 16.91 0.21 14.77
C GLY A 253 16.29 0.49 13.42
N SER A 254 17.10 0.86 12.43
CA SER A 254 16.61 1.13 11.07
C SER A 254 17.69 0.86 10.05
N LEU A 255 17.30 0.34 8.91
CA LEU A 255 18.25 -0.02 7.89
C LEU A 255 17.69 0.42 6.55
N GLY A 256 18.45 1.25 5.86
CA GLY A 256 18.11 1.63 4.46
C GLY A 256 19.19 1.15 3.47
N MET A 257 18.76 0.58 2.36
CA MET A 257 19.66 0.05 1.36
C MET A 257 19.19 0.41 -0.03
N ASP A 258 20.06 1.05 -0.81
CA ASP A 258 19.79 1.38 -2.21
C ASP A 258 20.40 0.19 -2.99
N VAL A 259 19.54 -0.69 -3.52
CA VAL A 259 19.92 -2.03 -4.03
C VAL A 259 20.19 -2.02 -5.53
N TYR A 260 21.43 -2.27 -5.89
CA TYR A 260 21.89 -2.21 -7.29
C TYR A 260 21.22 -3.22 -8.19
N GLU A 261 21.10 -2.90 -9.47
CA GLU A 261 20.36 -3.79 -10.42
C GLU A 261 21.03 -5.15 -10.62
N ASN A 262 22.37 -5.14 -10.67
CA ASN A 262 23.23 -6.38 -10.75
C ASN A 262 23.60 -6.97 -9.37
N GLU A 263 22.85 -6.58 -8.34
CA GLU A 263 23.08 -7.12 -7.01
C GLU A 263 21.74 -7.40 -6.24
N ARG A 264 20.62 -7.70 -6.93
CA ARG A 264 19.37 -7.95 -6.19
C ARG A 264 19.41 -9.40 -5.73
N ASP A 279 10.27 -13.14 -0.30
CA ASP A 279 11.54 -12.42 -0.38
C ASP A 279 12.00 -11.92 0.99
N VAL A 280 13.30 -11.88 1.15
CA VAL A 280 13.96 -11.18 2.26
C VAL A 280 13.48 -9.74 2.30
N PHE A 281 13.32 -9.14 1.11
CA PHE A 281 12.81 -7.77 0.88
C PHE A 281 11.44 -7.52 1.53
N ARG A 282 10.54 -8.45 1.35
CA ARG A 282 9.18 -8.29 1.83
C ARG A 282 9.07 -8.42 3.32
N ARG A 283 9.68 -9.49 3.81
CA ARG A 283 9.62 -9.77 5.24
C ARG A 283 10.23 -8.64 6.06
N LEU A 284 11.41 -8.18 5.63
CA LEU A 284 12.15 -7.18 6.40
C LEU A 284 11.50 -5.81 6.36
N SER A 285 10.99 -5.47 5.15
CA SER A 285 10.19 -4.28 4.88
C SER A 285 8.89 -4.24 5.74
N ALA A 286 8.27 -5.42 5.92
CA ALA A 286 7.05 -5.54 6.74
C ALA A 286 7.33 -5.50 8.27
N CYS A 287 8.29 -6.33 8.70
CA CYS A 287 8.56 -6.63 10.11
C CYS A 287 9.52 -5.67 10.83
N HIS A 288 10.26 -4.83 10.08
CA HIS A 288 11.22 -3.92 10.70
C HIS A 288 11.23 -2.53 10.05
N ASN A 289 11.92 -1.57 10.64
CA ASN A 289 12.06 -0.24 10.00
C ASN A 289 13.20 -0.37 8.92
N VAL A 290 12.86 -1.06 7.85
CA VAL A 290 13.78 -1.38 6.73
C VAL A 290 13.21 -0.78 5.46
N LEU A 291 14.09 -0.18 4.67
CA LEU A 291 13.65 0.48 3.45
C LEU A 291 14.65 0.14 2.35
N PHE A 292 14.14 -0.41 1.28
CA PHE A 292 14.90 -0.61 0.05
C PHE A 292 14.47 0.41 -0.99
N THR A 293 15.44 0.89 -1.75
CA THR A 293 15.21 1.61 -2.99
C THR A 293 16.02 0.92 -4.09
N GLY A 294 15.55 1.05 -5.32
CA GLY A 294 16.07 0.24 -6.43
C GLY A 294 17.24 0.86 -7.21
N HIS A 295 18.31 1.20 -6.52
CA HIS A 295 19.44 1.96 -7.14
C HIS A 295 18.98 3.29 -7.64
N GLN A 296 18.40 4.03 -6.72
CA GLN A 296 17.81 5.28 -7.00
C GLN A 296 18.71 6.46 -6.64
N ALA A 297 19.91 6.22 -6.17
CA ALA A 297 20.73 7.31 -5.62
C ALA A 297 21.16 8.42 -6.61
N PHE A 298 21.27 8.09 -7.91
CA PHE A 298 21.59 9.06 -8.95
C PHE A 298 20.41 9.50 -9.73
N LEU A 299 19.22 9.12 -9.29
CA LEU A 299 18.05 9.41 -10.03
C LEU A 299 17.44 10.82 -9.76
N THR A 300 18.15 11.83 -10.23
CA THR A 300 17.62 13.15 -10.39
C THR A 300 17.80 13.66 -11.79
N ALA A 301 17.02 14.69 -12.12
CA ALA A 301 17.04 15.34 -13.43
C ALA A 301 18.39 15.82 -13.77
N GLU A 302 19.07 16.45 -12.81
CA GLU A 302 20.43 16.94 -12.99
C GLU A 302 21.45 15.83 -13.19
N ALA A 303 21.39 14.78 -12.38
CA ALA A 303 22.37 13.77 -12.49
C ALA A 303 22.12 12.93 -13.81
N LEU A 304 20.89 12.65 -14.16
CA LEU A 304 20.57 11.90 -15.38
C LEU A 304 20.94 12.71 -16.62
N THR A 305 20.74 14.04 -16.57
CA THR A 305 21.17 14.96 -17.60
C THR A 305 22.71 14.87 -17.79
N SER A 306 23.48 14.87 -16.70
CA SER A 306 24.95 14.81 -16.82
C SER A 306 25.30 13.49 -17.49
N ILE A 307 24.69 12.41 -17.04
CA ILE A 307 25.03 11.08 -17.60
C ILE A 307 24.79 11.08 -19.11
N SER A 308 23.62 11.51 -19.55
CA SER A 308 23.27 11.58 -21.01
C SER A 308 24.18 12.51 -21.75
N GLN A 309 24.47 13.68 -21.19
CA GLN A 309 25.42 14.61 -21.81
C GLN A 309 26.76 13.99 -22.07
N THR A 310 27.32 13.40 -21.04
CA THR A 310 28.66 12.77 -21.10
C THR A 310 28.61 11.64 -22.09
N THR A 311 27.57 10.82 -22.04
CA THR A 311 27.41 9.72 -22.97
C THR A 311 27.39 10.16 -24.41
N LEU A 312 26.56 11.13 -24.76
CA LEU A 312 26.46 11.58 -26.14
C LEU A 312 27.72 12.37 -26.55
N GLN A 313 28.27 13.14 -25.63
CA GLN A 313 29.54 13.81 -25.87
C GLN A 313 30.66 12.78 -26.06
N ASN A 314 30.71 11.72 -25.24
CA ASN A 314 31.69 10.66 -25.46
C ASN A 314 31.61 10.12 -26.88
N LEU A 315 30.38 9.83 -27.34
CA LEU A 315 30.20 9.29 -28.67
C LEU A 315 30.51 10.31 -29.79
N SER A 316 30.19 11.54 -29.54
CA SER A 316 30.57 12.59 -30.49
C SER A 316 32.10 12.67 -30.64
N ASN A 317 32.82 12.65 -29.52
CA ASN A 317 34.30 12.62 -29.55
C ASN A 317 34.79 11.49 -30.47
N LEU A 318 34.25 10.30 -30.28
CA LEU A 318 34.68 9.13 -31.05
C LEU A 318 34.43 9.31 -32.54
N GLU A 319 33.25 9.79 -32.89
CA GLU A 319 32.82 9.99 -34.27
C GLU A 319 33.73 10.98 -34.98
N LYS A 320 34.29 11.92 -34.25
CA LYS A 320 35.11 12.96 -34.83
C LYS A 320 36.57 12.72 -34.61
N GLY A 321 36.89 11.55 -34.10
CA GLY A 321 38.29 11.23 -33.82
C GLY A 321 38.94 12.05 -32.70
N GLU A 322 38.18 12.87 -31.97
CA GLU A 322 38.76 13.63 -30.90
C GLU A 322 39.23 12.73 -29.80
N THR A 323 39.86 13.29 -28.80
CA THR A 323 40.30 12.47 -27.72
C THR A 323 39.19 12.44 -26.66
N CYS A 324 38.95 11.26 -26.13
CA CYS A 324 37.88 11.08 -25.21
C CYS A 324 38.44 10.70 -23.86
N PRO A 325 38.39 11.61 -22.89
CA PRO A 325 38.88 11.35 -21.53
C PRO A 325 38.20 10.17 -20.86
N ASN A 326 37.02 9.75 -21.31
CA ASN A 326 36.32 8.66 -20.65
C ASN A 326 36.43 7.30 -21.39
N GLU A 327 37.35 7.22 -22.33
CA GLU A 327 37.66 5.98 -23.09
C GLU A 327 38.30 4.92 -22.20
N LEU A 328 37.73 3.71 -22.18
CA LEU A 328 38.32 2.62 -21.42
C LEU A 328 39.19 1.82 -22.39
N VAL A 329 38.74 1.75 -23.63
CA VAL A 329 39.32 0.95 -24.67
C VAL A 329 39.27 1.72 -25.96
N MET B 1 0.37 14.48 43.69
CA MET B 1 -0.95 14.69 43.08
C MET B 1 -1.33 13.57 42.13
N LYS B 2 -2.60 13.58 41.77
CA LYS B 2 -3.15 12.57 40.86
C LYS B 2 -3.61 13.30 39.58
N LEU B 3 -3.18 12.71 38.43
CA LEU B 3 -3.33 13.33 37.13
C LEU B 3 -4.07 12.37 36.24
N ALA B 4 -5.18 12.81 35.69
CA ALA B 4 -5.90 12.06 34.69
C ALA B 4 -5.50 12.58 33.32
N VAL B 5 -5.05 11.69 32.43
CA VAL B 5 -4.52 12.02 31.11
C VAL B 5 -5.53 11.52 30.08
N TYR B 6 -6.09 12.45 29.33
CA TYR B 6 -7.04 12.13 28.28
C TYR B 6 -6.43 12.06 26.88
N SER B 7 -7.15 11.42 25.96
CA SER B 7 -6.71 11.25 24.58
C SER B 7 -5.31 10.63 24.51
N THR B 8 -5.03 9.70 25.43
CA THR B 8 -3.73 9.10 25.59
C THR B 8 -3.40 8.14 24.45
N LYS B 9 -2.28 8.42 23.81
CA LYS B 9 -1.69 7.50 22.87
C LYS B 9 -0.58 6.78 23.55
N GLN B 10 -0.13 5.68 22.98
CA GLN B 10 1.00 4.91 23.61
C GLN B 10 2.24 5.72 23.82
N TYR B 11 2.55 6.55 22.86
CA TYR B 11 3.76 7.38 22.99
C TYR B 11 3.60 8.43 24.10
N ASP B 12 2.38 9.00 24.24
CA ASP B 12 2.10 9.90 25.36
C ASP B 12 2.38 9.21 26.66
N LYS B 13 1.80 8.03 26.79
CA LYS B 13 1.95 7.25 28.03
C LYS B 13 3.43 6.92 28.31
N LYS B 14 4.16 6.50 27.29
CA LYS B 14 5.55 6.10 27.48
C LYS B 14 6.39 7.21 28.07
N TYR B 15 6.30 8.42 27.51
CA TYR B 15 7.15 9.51 27.96
C TYR B 15 6.67 10.17 29.24
N LEU B 16 5.36 10.23 29.44
CA LEU B 16 4.87 10.69 30.75
C LEU B 16 5.34 9.75 31.83
N GLN B 17 5.24 8.45 31.61
CA GLN B 17 5.72 7.49 32.61
C GLN B 17 7.21 7.64 32.88
N GLN B 18 7.99 7.73 31.83
CA GLN B 18 9.41 7.88 31.97
C GLN B 18 9.75 9.11 32.73
N VAL B 19 9.21 10.23 32.33
CA VAL B 19 9.55 11.46 33.03
C VAL B 19 9.04 11.49 34.49
N ASN B 20 7.92 10.82 34.73
CA ASN B 20 7.29 10.87 36.02
C ASN B 20 8.11 10.16 37.06
N GLU B 21 9.11 9.40 36.62
CA GLU B 21 10.10 8.86 37.53
C GLU B 21 10.79 9.93 38.38
N SER B 22 10.91 11.15 37.87
CA SER B 22 11.40 12.26 38.69
C SER B 22 10.36 13.03 39.49
N PHE B 23 9.08 12.73 39.35
CA PHE B 23 8.02 13.51 40.04
C PHE B 23 7.15 12.71 40.96
N GLY B 24 6.88 11.46 40.61
CA GLY B 24 6.10 10.62 41.51
C GLY B 24 4.61 10.93 41.57
N PHE B 25 4.04 11.55 40.54
CA PHE B 25 2.57 11.72 40.48
C PHE B 25 1.88 10.40 40.27
N GLU B 26 0.64 10.31 40.65
CA GLU B 26 -0.14 9.14 40.34
C GLU B 26 -0.83 9.47 39.05
N LEU B 27 -0.59 8.62 38.06
CA LEU B 27 -1.01 8.88 36.71
C LEU B 27 -2.16 7.94 36.35
N GLU B 28 -3.22 8.49 35.79
CA GLU B 28 -4.29 7.69 35.33
C GLU B 28 -4.54 8.01 33.86
N PHE B 29 -4.44 6.99 33.02
CA PHE B 29 -4.43 7.18 31.60
C PHE B 29 -5.73 6.74 31.03
N PHE B 30 -6.36 7.63 30.28
CA PHE B 30 -7.52 7.28 29.50
C PHE B 30 -7.27 7.49 28.03
N ASP B 31 -7.73 6.57 27.20
CA ASP B 31 -7.54 6.70 25.78
C ASP B 31 -8.61 7.54 25.08
N PHE B 32 -9.68 7.91 25.80
CA PHE B 32 -10.76 8.62 25.18
C PHE B 32 -10.68 10.13 25.38
N LEU B 33 -11.52 10.86 24.63
CA LEU B 33 -11.57 12.31 24.63
C LEU B 33 -12.24 12.81 25.92
N LEU B 34 -11.72 13.92 26.45
CA LEU B 34 -12.39 14.64 27.53
C LEU B 34 -13.54 15.37 26.89
N THR B 35 -14.74 15.11 27.41
CA THR B 35 -15.94 15.74 26.97
C THR B 35 -16.76 16.01 28.23
N GLU B 36 -17.87 16.69 28.07
CA GLU B 36 -18.74 16.94 29.19
C GLU B 36 -19.18 15.61 29.87
N LYS B 37 -19.37 14.55 29.11
CA LYS B 37 -19.79 13.28 29.67
C LYS B 37 -18.71 12.53 30.37
N THR B 38 -17.47 12.67 29.91
CA THR B 38 -16.39 11.85 30.46
C THR B 38 -15.65 12.61 31.58
N ALA B 39 -15.93 13.87 31.71
CA ALA B 39 -15.26 14.67 32.74
C ALA B 39 -15.38 14.03 34.13
N LYS B 40 -16.51 13.36 34.39
CA LYS B 40 -16.72 12.70 35.66
C LYS B 40 -15.69 11.63 35.95
N THR B 41 -15.03 11.11 34.90
CA THR B 41 -13.99 10.13 35.10
C THR B 41 -12.78 10.69 35.79
N ALA B 42 -12.60 12.00 35.81
CA ALA B 42 -11.50 12.64 36.50
C ALA B 42 -11.73 12.77 38.01
N ASN B 43 -12.85 12.31 38.52
CA ASN B 43 -13.16 12.46 39.97
C ASN B 43 -12.06 11.82 40.82
N GLY B 44 -11.45 12.59 41.70
CA GLY B 44 -10.33 12.08 42.53
C GLY B 44 -8.98 12.59 42.05
N CYS B 45 -8.96 13.27 40.92
CA CYS B 45 -7.72 13.85 40.41
C CYS B 45 -7.75 15.34 40.62
N GLU B 46 -6.64 15.91 41.02
CA GLU B 46 -6.55 17.37 41.08
C GLU B 46 -6.27 18.00 39.70
N ALA B 47 -5.78 17.20 38.77
CA ALA B 47 -5.29 17.71 37.47
C ALA B 47 -5.75 16.79 36.36
N VAL B 48 -6.00 17.41 35.20
CA VAL B 48 -6.17 16.66 33.97
C VAL B 48 -5.12 17.11 32.95
N CYS B 49 -4.77 16.21 32.06
CA CYS B 49 -3.79 16.52 30.99
C CYS B 49 -4.42 16.22 29.69
N ILE B 50 -4.57 17.24 28.89
CA ILE B 50 -5.33 17.12 27.65
C ILE B 50 -4.43 17.51 26.41
N PHE B 51 -4.90 17.21 25.21
CA PHE B 51 -4.26 17.53 23.94
C PHE B 51 -5.28 18.24 23.04
N VAL B 52 -5.05 18.36 21.74
CA VAL B 52 -5.77 19.40 20.93
C VAL B 52 -7.22 19.08 20.63
N ASN B 53 -7.67 17.82 20.68
CA ASN B 53 -9.04 17.49 20.41
C ASN B 53 -9.94 17.39 21.64
N ASP B 54 -9.36 17.44 22.82
CA ASP B 54 -10.15 17.31 24.02
C ASP B 54 -10.98 18.54 24.15
N ASP B 55 -12.16 18.38 24.72
CA ASP B 55 -13.06 19.50 24.86
C ASP B 55 -12.84 20.24 26.16
N GLY B 56 -12.36 21.48 26.05
CA GLY B 56 -12.27 22.34 27.20
C GLY B 56 -13.19 23.53 27.18
N SER B 57 -14.36 23.39 26.56
CA SER B 57 -15.38 24.44 26.61
C SER B 57 -16.02 24.53 28.02
N ARG B 58 -16.78 25.59 28.25
CA ARG B 58 -17.31 25.91 29.59
C ARG B 58 -18.07 24.79 30.27
N PRO B 59 -19.06 24.18 29.58
CA PRO B 59 -19.70 23.02 30.23
C PRO B 59 -18.76 21.89 30.73
N VAL B 60 -17.67 21.63 30.03
CA VAL B 60 -16.74 20.58 30.45
C VAL B 60 -15.96 21.07 31.67
N LEU B 61 -15.53 22.31 31.63
CA LEU B 61 -14.79 22.88 32.72
C LEU B 61 -15.68 22.95 34.02
N GLU B 62 -16.97 23.18 33.84
CA GLU B 62 -17.92 23.22 34.98
C GLU B 62 -17.99 21.88 35.59
N GLU B 63 -18.08 20.84 34.75
CA GLU B 63 -18.10 19.51 35.27
C GLU B 63 -16.76 19.09 35.95
N LEU B 64 -15.60 19.48 35.38
CA LEU B 64 -14.34 19.17 36.02
C LEU B 64 -14.31 19.81 37.45
N LYS B 65 -14.66 21.07 37.52
CA LYS B 65 -14.64 21.77 38.81
C LYS B 65 -15.56 21.07 39.81
N LYS B 66 -16.75 20.64 39.40
CA LYS B 66 -17.65 19.90 40.29
C LYS B 66 -17.06 18.61 40.74
N HIS B 67 -16.18 18.00 39.96
CA HIS B 67 -15.53 16.79 40.39
C HIS B 67 -14.21 16.98 41.11
N GLY B 68 -13.88 18.20 41.49
CA GLY B 68 -12.67 18.52 42.31
C GLY B 68 -11.39 18.80 41.54
N VAL B 69 -11.45 18.83 40.21
CA VAL B 69 -10.27 19.22 39.41
C VAL B 69 -9.92 20.72 39.54
N LYS B 70 -8.66 21.01 39.80
CA LYS B 70 -8.16 22.38 39.93
C LYS B 70 -7.30 22.87 38.78
N TYR B 71 -6.65 21.93 38.07
CA TYR B 71 -5.57 22.26 37.11
C TYR B 71 -5.78 21.52 35.80
N ILE B 72 -5.54 22.23 34.73
CA ILE B 72 -5.64 21.68 33.37
C ILE B 72 -4.31 21.91 32.67
N ALA B 73 -3.69 20.83 32.23
CA ALA B 73 -2.41 20.94 31.60
C ALA B 73 -2.52 20.46 30.13
N LEU B 74 -2.30 21.39 29.20
CA LEU B 74 -2.24 21.09 27.81
C LEU B 74 -0.82 20.54 27.51
N ARG B 75 -0.73 19.33 26.98
CA ARG B 75 0.57 18.76 26.57
C ARG B 75 0.92 19.20 25.11
N CYS B 76 0.79 20.49 24.87
CA CYS B 76 0.82 21.04 23.57
C CYS B 76 0.94 22.56 23.70
N ALA B 77 1.14 23.25 22.59
CA ALA B 77 1.28 24.73 22.56
C ALA B 77 -0.02 25.40 22.28
N GLY B 78 -0.86 24.78 21.47
CA GLY B 78 -2.23 25.34 21.14
C GLY B 78 -3.23 25.21 22.29
N PHE B 79 -4.19 26.14 22.36
CA PHE B 79 -5.11 26.24 23.47
C PHE B 79 -6.46 26.72 23.02
N ASN B 80 -6.69 26.58 21.72
CA ASN B 80 -7.94 26.90 21.03
C ASN B 80 -9.17 26.09 21.47
N ASN B 81 -8.94 24.88 21.97
CA ASN B 81 -9.99 24.06 22.52
C ASN B 81 -10.40 24.34 24.00
N VAL B 82 -9.78 25.29 24.65
CA VAL B 82 -10.03 25.61 26.05
C VAL B 82 -10.55 27.01 26.16
N ASP B 83 -11.71 27.14 26.80
CA ASP B 83 -12.30 28.44 27.07
C ASP B 83 -11.59 29.05 28.28
N LEU B 84 -10.57 29.86 28.02
CA LEU B 84 -9.76 30.40 29.05
C LEU B 84 -10.49 31.40 29.95
N ASP B 85 -11.45 32.13 29.41
CA ASP B 85 -12.25 33.09 30.19
C ASP B 85 -13.07 32.30 31.18
N ALA B 86 -13.74 31.25 30.70
CA ALA B 86 -14.54 30.41 31.59
C ALA B 86 -13.60 29.75 32.67
N ALA B 87 -12.44 29.30 32.25
CA ALA B 87 -11.53 28.69 33.18
C ALA B 87 -11.18 29.71 34.28
N LYS B 88 -10.87 30.93 33.85
CA LYS B 88 -10.46 31.97 34.79
C LYS B 88 -11.56 32.32 35.75
N GLU B 89 -12.78 32.49 35.25
CA GLU B 89 -13.92 32.73 36.09
C GLU B 89 -14.20 31.60 37.10
N LEU B 90 -14.01 30.34 36.70
CA LEU B 90 -14.26 29.17 37.55
C LEU B 90 -13.10 28.94 38.52
N GLY B 91 -12.01 29.68 38.39
CA GLY B 91 -10.85 29.45 39.27
C GLY B 91 -9.93 28.30 38.88
N LEU B 92 -10.05 27.78 37.66
CA LEU B 92 -9.21 26.67 37.20
C LEU B 92 -7.95 27.20 36.59
N LYS B 93 -6.79 26.58 36.92
CA LYS B 93 -5.52 26.97 36.32
C LYS B 93 -5.36 26.22 35.01
N VAL B 94 -4.76 26.88 34.00
CA VAL B 94 -4.48 26.24 32.70
C VAL B 94 -3.03 26.47 32.40
N VAL B 95 -2.31 25.39 32.17
CA VAL B 95 -0.93 25.48 31.79
C VAL B 95 -0.73 24.80 30.42
N ARG B 96 0.38 25.15 29.77
CA ARG B 96 0.69 24.57 28.45
C ARG B 96 2.19 24.41 28.23
N VAL B 97 2.53 23.81 27.12
CA VAL B 97 3.90 23.70 26.70
C VAL B 97 4.09 24.85 25.73
N PRO B 98 5.01 25.79 26.01
CA PRO B 98 5.10 27.00 25.19
C PRO B 98 5.56 26.77 23.72
N ALA B 99 6.47 25.85 23.49
CA ALA B 99 6.86 25.51 22.10
C ALA B 99 7.45 24.11 22.03
N TYR B 100 7.43 23.53 20.84
CA TYR B 100 8.11 22.26 20.63
C TYR B 100 9.64 22.43 20.32
N ASP B 101 10.46 21.43 20.67
CA ASP B 101 11.84 21.22 20.22
C ASP B 101 11.92 21.68 18.76
N PRO B 102 12.61 22.78 18.51
CA PRO B 102 12.53 23.36 17.15
C PRO B 102 13.25 22.47 16.09
N GLU B 103 14.26 21.74 16.54
CA GLU B 103 15.01 20.87 15.64
C GLU B 103 14.16 19.68 15.26
N ALA B 104 13.34 19.20 16.15
CA ALA B 104 12.42 18.06 15.78
C ALA B 104 11.53 18.45 14.66
N VAL B 105 10.99 19.64 14.77
CA VAL B 105 10.00 20.13 13.77
C VAL B 105 10.70 20.41 12.44
N ALA B 106 11.84 21.11 12.49
CA ALA B 106 12.59 21.36 11.22
C ALA B 106 12.99 20.09 10.54
N GLU B 107 13.44 19.15 11.34
CA GLU B 107 13.87 17.89 10.81
C GLU B 107 12.70 17.11 10.18
N HIS B 108 11.51 17.21 10.77
CA HIS B 108 10.35 16.68 10.08
C HIS B 108 10.10 17.34 8.72
N ALA B 109 10.26 18.64 8.67
CA ALA B 109 9.98 19.33 7.43
C ALA B 109 10.97 18.93 6.35
N ILE B 110 12.25 18.78 6.70
CA ILE B 110 13.23 18.33 5.68
C ILE B 110 12.95 16.89 5.28
N GLY B 111 12.55 16.05 6.25
CA GLY B 111 12.11 14.70 5.96
C GLY B 111 11.00 14.66 4.91
N MET B 112 9.95 15.47 5.12
CA MET B 112 8.89 15.61 4.12
C MET B 112 9.42 16.03 2.80
N MET B 113 10.26 17.05 2.78
CA MET B 113 10.80 17.56 1.54
C MET B 113 11.61 16.55 0.76
N MET B 114 12.51 15.84 1.45
CA MET B 114 13.30 14.81 0.71
C MET B 114 12.48 13.58 0.34
N THR B 115 11.48 13.23 1.16
CA THR B 115 10.59 12.10 0.83
C THR B 115 9.86 12.46 -0.43
N LEU B 116 9.35 13.67 -0.50
CA LEU B 116 8.73 14.17 -1.77
C LEU B 116 9.64 14.30 -2.94
N ASN B 117 10.80 14.87 -2.74
CA ASN B 117 11.77 15.03 -3.82
C ASN B 117 12.11 13.70 -4.49
N ARG B 118 12.55 12.74 -3.69
CA ARG B 118 12.99 11.47 -4.21
C ARG B 118 11.90 10.40 -4.28
N ARG B 119 10.67 10.81 -4.03
CA ARG B 119 9.54 9.92 -4.01
C ARG B 119 9.75 8.65 -3.21
N ILE B 120 10.37 8.77 -2.05
CA ILE B 120 10.74 7.60 -1.21
C ILE B 120 9.51 6.89 -0.59
N HIS B 121 8.45 7.64 -0.33
CA HIS B 121 7.18 7.08 0.03
C HIS B 121 6.62 6.13 -1.05
N ARG B 122 6.70 6.53 -2.31
CA ARG B 122 6.29 5.70 -3.43
C ARG B 122 7.24 4.57 -3.67
N ALA B 123 8.54 4.80 -3.50
CA ALA B 123 9.52 3.73 -3.65
C ALA B 123 9.23 2.59 -2.65
N TYR B 124 9.00 2.91 -1.39
CA TYR B 124 8.71 1.90 -0.42
C TYR B 124 7.47 1.04 -0.75
N GLN B 125 6.42 1.68 -1.24
CA GLN B 125 5.22 0.95 -1.67
C GLN B 125 5.55 -0.09 -2.69
N ARG B 126 6.48 0.22 -3.57
CA ARG B 126 6.97 -0.75 -4.56
C ARG B 126 7.88 -1.82 -3.96
N THR B 127 8.97 -1.37 -3.34
CA THR B 127 9.96 -2.29 -2.87
C THR B 127 9.50 -3.17 -1.73
N ARG B 128 8.48 -2.79 -0.96
CA ARG B 128 8.03 -3.71 0.08
C ARG B 128 7.45 -4.99 -0.59
N ASP B 129 7.04 -4.87 -1.85
CA ASP B 129 6.57 -6.00 -2.63
C ASP B 129 7.56 -6.32 -3.80
N ALA B 130 8.86 -6.05 -3.54
CA ALA B 130 9.94 -6.43 -4.42
C ALA B 130 9.75 -5.92 -5.83
N ASN B 131 9.10 -4.77 -5.99
CA ASN B 131 9.09 -4.07 -7.28
C ASN B 131 10.15 -2.94 -7.22
N PHE B 132 11.19 -3.07 -8.03
CA PHE B 132 12.30 -2.18 -8.06
C PHE B 132 12.23 -1.26 -9.26
N SER B 133 11.08 -1.12 -9.91
CA SER B 133 11.00 -0.11 -10.99
C SER B 133 11.16 1.30 -10.40
N LEU B 134 11.83 2.16 -11.16
CA LEU B 134 12.14 3.54 -10.77
C LEU B 134 11.33 4.53 -11.58
N GLU B 135 10.49 4.03 -12.49
CA GLU B 135 9.70 4.96 -13.31
C GLU B 135 8.81 5.83 -12.44
N GLY B 136 8.74 7.11 -12.77
CA GLY B 136 8.03 8.06 -11.98
C GLY B 136 8.73 8.58 -10.74
N LEU B 137 9.89 8.03 -10.36
CA LEU B 137 10.54 8.38 -9.09
C LEU B 137 11.66 9.43 -9.18
N THR B 138 11.86 10.00 -10.37
CA THR B 138 12.96 10.92 -10.58
C THR B 138 12.80 12.18 -9.75
N GLY B 139 13.86 12.61 -9.08
CA GLY B 139 13.77 13.84 -8.27
C GLY B 139 14.65 14.95 -8.82
N PHE B 140 15.14 15.82 -7.94
CA PHE B 140 16.07 16.87 -8.29
C PHE B 140 17.19 17.02 -7.25
N THR B 141 18.36 17.41 -7.71
CA THR B 141 19.49 17.63 -6.86
C THR B 141 19.26 18.93 -6.11
N MET B 142 19.42 18.92 -4.82
CA MET B 142 19.12 20.08 -3.99
C MET B 142 20.28 21.05 -4.06
N TYR B 143 21.47 20.49 -4.01
CA TYR B 143 22.71 21.28 -4.01
C TYR B 143 22.63 22.37 -5.04
N GLY B 144 22.86 23.59 -4.62
CA GLY B 144 22.87 24.69 -5.60
C GLY B 144 21.53 25.29 -5.96
N LYS B 145 20.43 24.73 -5.53
CA LYS B 145 19.14 25.30 -5.75
C LYS B 145 18.92 26.39 -4.63
N THR B 146 17.77 27.03 -4.69
CA THR B 146 17.41 28.09 -3.74
C THR B 146 16.27 27.64 -2.88
N ALA B 147 16.46 27.79 -1.57
CA ALA B 147 15.43 27.51 -0.62
C ALA B 147 14.90 28.79 -0.05
N GLY B 148 13.56 28.87 0.13
CA GLY B 148 12.97 30.00 0.83
C GLY B 148 12.23 29.56 2.06
N VAL B 149 12.61 30.15 3.18
CA VAL B 149 12.00 29.89 4.44
C VAL B 149 11.21 31.13 4.83
N ILE B 150 9.96 30.91 5.12
CA ILE B 150 9.05 31.95 5.64
C ILE B 150 8.85 31.78 7.13
N GLY B 151 9.44 32.69 7.89
CA GLY B 151 9.41 32.67 9.32
C GLY B 151 10.78 32.23 9.83
N THR B 152 11.45 33.09 10.63
CA THR B 152 12.76 32.82 11.15
C THR B 152 12.79 32.89 12.72
N GLY B 153 11.73 32.36 13.36
CA GLY B 153 11.75 31.93 14.74
C GLY B 153 12.75 30.76 14.92
N LYS B 154 12.74 30.16 16.08
CA LYS B 154 13.70 29.10 16.33
C LYS B 154 13.56 27.95 15.31
N ILE B 155 12.34 27.64 14.92
CA ILE B 155 12.13 26.50 14.06
C ILE B 155 12.70 26.81 12.66
N GLY B 156 12.37 27.99 12.11
CA GLY B 156 12.85 28.39 10.83
C GLY B 156 14.36 28.49 10.72
N VAL B 157 15.00 28.96 11.80
CA VAL B 157 16.47 28.99 11.85
C VAL B 157 17.04 27.58 11.92
N ALA B 158 16.43 26.67 12.67
CA ALA B 158 16.81 25.28 12.61
C ALA B 158 16.71 24.69 11.21
N MET B 159 15.67 25.08 10.48
CA MET B 159 15.48 24.63 9.13
C MET B 159 16.55 25.15 8.20
N LEU B 160 16.86 26.44 8.34
CA LEU B 160 17.92 27.04 7.54
C LEU B 160 19.29 26.45 7.82
N ARG B 161 19.55 26.06 9.05
CA ARG B 161 20.83 25.37 9.33
C ARG B 161 20.95 24.10 8.52
N ILE B 162 19.85 23.36 8.48
CA ILE B 162 19.84 22.12 7.67
C ILE B 162 19.99 22.40 6.19
N LEU B 163 19.24 23.36 5.68
CA LEU B 163 19.30 23.65 4.27
C LEU B 163 20.70 24.19 3.84
N LYS B 164 21.35 24.93 4.78
CA LYS B 164 22.74 25.30 4.55
C LYS B 164 23.62 24.07 4.30
N GLY B 165 23.44 23.03 5.11
CA GLY B 165 24.16 21.78 4.94
C GLY B 165 23.96 21.14 3.56
N PHE B 166 22.79 21.36 2.95
CA PHE B 166 22.52 20.86 1.58
C PHE B 166 23.14 21.70 0.51
N GLY B 167 23.71 22.84 0.89
CA GLY B 167 24.46 23.69 -0.09
C GLY B 167 23.50 24.44 -0.95
N MET B 168 22.41 24.87 -0.35
CA MET B 168 21.39 25.63 -1.06
C MET B 168 21.62 27.12 -0.84
N ARG B 169 21.12 27.91 -1.80
CA ARG B 169 21.08 29.36 -1.59
C ARG B 169 19.88 29.66 -0.72
N LEU B 170 20.10 30.40 0.34
CA LEU B 170 19.12 30.53 1.41
C LEU B 170 18.51 31.92 1.31
N LEU B 171 17.20 31.92 1.09
CA LEU B 171 16.41 33.13 1.25
C LEU B 171 15.45 32.98 2.42
N ALA B 172 15.14 34.08 3.11
CA ALA B 172 14.10 34.08 4.14
C ALA B 172 13.27 35.34 4.14
N PHE B 173 12.04 35.18 4.67
CA PHE B 173 11.21 36.32 4.93
C PHE B 173 10.73 36.25 6.34
N ASP B 174 10.87 37.34 7.07
CA ASP B 174 10.22 37.47 8.34
C ASP B 174 9.98 38.97 8.61
N PRO B 175 8.89 39.33 9.26
CA PRO B 175 8.73 40.71 9.68
C PRO B 175 9.78 41.12 10.70
N TYR B 176 10.23 40.29 11.62
CA TYR B 176 11.41 40.64 12.39
C TYR B 176 12.64 39.75 12.05
N PRO B 177 13.47 40.23 11.10
CA PRO B 177 14.60 39.34 10.81
C PRO B 177 15.48 39.01 12.01
N SER B 178 16.08 37.85 12.03
CA SER B 178 16.83 37.33 13.15
C SER B 178 18.33 37.37 12.80
N ALA B 179 19.12 37.83 13.74
CA ALA B 179 20.58 37.85 13.60
C ALA B 179 21.13 36.44 13.47
N ALA B 180 20.55 35.50 14.23
CA ALA B 180 20.96 34.09 14.16
C ALA B 180 20.99 33.47 12.72
N ALA B 181 20.03 33.84 11.90
CA ALA B 181 19.97 33.47 10.47
C ALA B 181 21.10 34.04 9.62
N LEU B 182 21.59 35.25 9.96
CA LEU B 182 22.56 35.88 9.10
C LEU B 182 23.83 35.11 9.11
N GLU B 183 24.20 34.52 10.23
CA GLU B 183 25.41 33.70 10.25
C GLU B 183 25.42 32.61 9.25
N LEU B 184 24.21 32.14 8.94
CA LEU B 184 24.12 31.03 8.08
C LEU B 184 24.27 31.46 6.64
N GLY B 185 24.42 32.76 6.39
CA GLY B 185 24.48 33.26 5.02
C GLY B 185 23.10 33.53 4.39
N VAL B 186 22.05 33.61 5.19
CA VAL B 186 20.70 33.83 4.71
C VAL B 186 20.52 35.24 4.19
N GLU B 187 19.86 35.38 3.07
CA GLU B 187 19.50 36.72 2.58
C GLU B 187 18.03 36.95 2.86
N TYR B 188 17.72 37.93 3.72
CA TYR B 188 16.31 38.28 3.95
C TYR B 188 15.81 39.04 2.71
N VAL B 189 14.64 38.67 2.23
CA VAL B 189 14.08 39.28 1.01
C VAL B 189 12.61 39.49 1.28
N ASP B 190 11.93 40.16 0.34
CA ASP B 190 10.46 40.34 0.47
C ASP B 190 9.80 39.10 -0.15
N LEU B 191 8.55 38.89 0.20
CA LEU B 191 7.83 37.73 -0.27
C LEU B 191 7.86 37.52 -1.76
N PRO B 192 7.69 38.57 -2.54
CA PRO B 192 7.69 38.38 -4.00
C PRO B 192 9.02 37.84 -4.55
N THR B 193 10.13 38.28 -3.96
CA THR B 193 11.43 37.78 -4.36
C THR B 193 11.50 36.28 -3.88
N LEU B 194 11.05 36.00 -2.69
CA LEU B 194 11.12 34.62 -2.17
C LEU B 194 10.34 33.67 -3.08
N PHE B 195 9.08 34.04 -3.37
CA PHE B 195 8.26 33.26 -4.30
C PHE B 195 8.90 33.03 -5.64
N SER B 196 9.51 34.06 -6.21
CA SER B 196 9.94 33.94 -7.59
C SER B 196 11.28 33.24 -7.74
N GLU B 197 12.12 33.33 -6.73
CA GLU B 197 13.46 32.78 -6.79
C GLU B 197 13.53 31.34 -6.19
N SER B 198 12.55 30.90 -5.45
CA SER B 198 12.73 29.69 -4.59
C SER B 198 12.36 28.40 -5.34
N ASP B 199 13.24 27.42 -5.25
CA ASP B 199 12.96 26.03 -5.73
C ASP B 199 12.16 25.21 -4.72
N VAL B 200 12.39 25.47 -3.43
CA VAL B 200 11.65 24.86 -2.35
C VAL B 200 11.29 25.98 -1.37
N ILE B 201 10.11 25.86 -0.79
CA ILE B 201 9.65 26.83 0.21
C ILE B 201 9.19 26.05 1.39
N SER B 202 9.48 26.53 2.57
CA SER B 202 9.01 25.89 3.79
C SER B 202 8.51 26.95 4.76
N LEU B 203 7.35 26.69 5.35
CA LEU B 203 6.77 27.64 6.28
C LEU B 203 7.06 27.29 7.73
N HIS B 204 7.54 28.28 8.49
CA HIS B 204 7.85 28.14 9.89
C HIS B 204 7.46 29.38 10.69
N CYS B 205 6.19 29.70 10.68
CA CYS B 205 5.73 30.96 11.30
C CYS B 205 4.38 30.72 11.97
N PRO B 206 4.11 31.48 13.05
CA PRO B 206 2.80 31.38 13.65
C PRO B 206 1.78 31.95 12.72
N LEU B 207 0.57 31.46 12.86
CA LEU B 207 -0.58 32.05 12.16
C LEU B 207 -0.99 33.36 12.85
N THR B 208 -1.00 34.42 12.08
CA THR B 208 -1.44 35.74 12.54
C THR B 208 -2.48 36.24 11.55
N PRO B 209 -3.24 37.27 11.93
CA PRO B 209 -4.13 37.92 10.98
C PRO B 209 -3.43 38.34 9.68
N GLU B 210 -2.21 38.89 9.77
CA GLU B 210 -1.45 39.41 8.62
C GLU B 210 -1.09 38.30 7.61
N ASN B 211 -0.84 37.09 8.09
CA ASN B 211 -0.36 36.00 7.19
C ASN B 211 -1.38 34.88 6.99
N TYR B 212 -2.60 35.07 7.49
CA TYR B 212 -3.71 34.18 7.15
C TYR B 212 -3.86 34.12 5.63
N HIS B 213 -3.99 32.91 5.09
CA HIS B 213 -3.93 32.64 3.63
C HIS B 213 -2.75 33.27 2.90
N LEU B 214 -1.61 33.34 3.56
CA LEU B 214 -0.44 33.93 2.93
C LEU B 214 -0.12 33.34 1.57
N LEU B 215 -0.31 32.04 1.43
CA LEU B 215 -0.05 31.38 0.14
C LEU B 215 -1.40 31.18 -0.50
N ASN B 216 -1.68 32.10 -1.42
CA ASN B 216 -2.91 32.16 -2.18
C ASN B 216 -2.59 32.23 -3.66
N GLU B 217 -3.63 32.43 -4.48
CA GLU B 217 -3.48 32.39 -5.91
C GLU B 217 -2.39 33.33 -6.40
N ALA B 218 -2.35 34.54 -5.84
CA ALA B 218 -1.33 35.55 -6.26
C ALA B 218 0.13 35.13 -5.94
N ALA B 219 0.28 34.49 -4.78
CA ALA B 219 1.55 33.89 -4.37
C ALA B 219 1.94 32.81 -5.35
N PHE B 220 1.08 31.82 -5.53
CA PHE B 220 1.40 30.69 -6.48
C PHE B 220 1.74 31.17 -7.85
N ASP B 221 0.96 32.16 -8.29
CA ASP B 221 1.15 32.78 -9.58
C ASP B 221 2.61 33.18 -9.80
N GLN B 222 3.26 33.69 -8.75
CA GLN B 222 4.65 34.18 -8.86
C GLN B 222 5.74 33.12 -8.71
N MET B 223 5.36 31.94 -8.22
CA MET B 223 6.35 30.90 -7.89
C MET B 223 6.85 30.21 -9.12
N LYS B 224 7.98 29.55 -9.04
CA LYS B 224 8.44 28.77 -10.19
C LYS B 224 7.52 27.58 -10.44
N ASN B 225 7.44 27.19 -11.71
CA ASN B 225 6.71 25.96 -12.05
C ASN B 225 7.47 24.76 -11.45
N GLY B 226 6.78 23.89 -10.74
CA GLY B 226 7.46 22.68 -10.17
C GLY B 226 7.95 22.94 -8.74
N VAL B 227 7.63 24.12 -8.21
CA VAL B 227 8.07 24.48 -6.86
C VAL B 227 7.61 23.40 -5.85
N MET B 228 8.48 23.14 -4.90
CA MET B 228 8.16 22.27 -3.78
C MET B 228 7.74 23.13 -2.59
N ILE B 229 6.61 22.83 -1.95
CA ILE B 229 6.14 23.51 -0.78
C ILE B 229 5.90 22.53 0.38
N VAL B 230 6.48 22.84 1.53
CA VAL B 230 6.26 22.09 2.73
C VAL B 230 5.72 22.99 3.78
N ASN B 231 4.64 22.55 4.42
CA ASN B 231 4.05 23.26 5.54
C ASN B 231 3.92 22.45 6.77
N THR B 232 4.83 22.69 7.71
CA THR B 232 4.70 22.11 9.05
C THR B 232 4.10 23.14 10.01
N SER B 233 3.80 24.32 9.55
CA SER B 233 3.12 25.31 10.43
C SER B 233 1.57 25.13 10.18
N ARG B 234 0.77 26.04 10.70
CA ARG B 234 -0.67 25.92 10.58
C ARG B 234 -1.18 25.86 9.19
N GLY B 235 -2.17 25.01 8.97
CA GLY B 235 -2.77 24.83 7.63
C GLY B 235 -3.35 26.10 6.98
N ALA B 236 -3.87 27.03 7.80
CA ALA B 236 -4.47 28.28 7.30
C ALA B 236 -3.49 29.29 6.71
N LEU B 237 -2.17 29.06 6.88
CA LEU B 237 -1.20 29.84 6.13
C LEU B 237 -1.40 29.61 4.63
N ILE B 238 -2.05 28.53 4.28
CA ILE B 238 -2.24 28.22 2.87
C ILE B 238 -3.74 28.28 2.55
N ASP B 239 -4.07 28.89 1.41
CA ASP B 239 -5.41 28.84 0.86
C ASP B 239 -5.53 27.51 0.07
N SER B 240 -6.19 26.54 0.69
CA SER B 240 -6.30 25.21 0.15
C SER B 240 -6.73 25.23 -1.30
N GLN B 241 -7.81 25.97 -1.54
CA GLN B 241 -8.45 25.92 -2.82
C GLN B 241 -7.46 26.41 -3.89
N ALA B 242 -6.73 27.48 -3.59
CA ALA B 242 -5.71 27.96 -4.54
C ALA B 242 -4.58 26.90 -4.75
N ALA B 243 -4.20 26.18 -3.68
CA ALA B 243 -3.14 25.17 -3.76
C ALA B 243 -3.53 24.04 -4.69
N ILE B 244 -4.73 23.50 -4.49
CA ILE B 244 -5.24 22.42 -5.35
C ILE B 244 -5.24 22.85 -6.82
N GLU B 245 -5.70 24.06 -7.07
CA GLU B 245 -5.74 24.61 -8.39
C GLU B 245 -4.34 24.68 -8.95
N ALA B 246 -3.40 25.18 -8.16
CA ALA B 246 -1.99 25.30 -8.61
C ALA B 246 -1.31 23.92 -8.76
N LEU B 247 -1.79 22.93 -8.02
CA LEU B 247 -1.36 21.55 -8.23
C LEU B 247 -1.85 21.02 -9.59
N LYS B 248 -3.17 21.11 -9.82
CA LYS B 248 -3.77 20.64 -11.10
C LYS B 248 -3.11 21.34 -12.27
N ASN B 249 -3.02 22.66 -12.16
CA ASN B 249 -2.24 23.53 -13.05
C ASN B 249 -0.78 23.17 -13.28
N GLN B 250 -0.22 22.40 -12.34
CA GLN B 250 1.20 22.10 -12.37
C GLN B 250 2.14 23.30 -12.11
N LYS B 251 1.66 24.31 -11.41
CA LYS B 251 2.55 25.31 -10.83
C LYS B 251 3.35 24.66 -9.67
N ILE B 252 2.62 24.08 -8.72
CA ILE B 252 3.22 23.36 -7.57
C ILE B 252 3.65 21.95 -7.99
N GLY B 253 4.94 21.64 -7.88
CA GLY B 253 5.46 20.34 -8.21
C GLY B 253 5.20 19.31 -7.10
N SER B 254 5.26 19.75 -5.85
CA SER B 254 5.11 18.89 -4.70
C SER B 254 4.58 19.68 -3.52
N LEU B 255 3.74 19.07 -2.70
CA LEU B 255 3.17 19.72 -1.54
C LEU B 255 3.18 18.74 -0.36
N GLY B 256 3.80 19.15 0.74
CA GLY B 256 3.72 18.40 1.96
C GLY B 256 3.07 19.21 3.05
N MET B 257 2.15 18.58 3.78
CA MET B 257 1.45 19.23 4.85
C MET B 257 1.30 18.37 6.08
N ASP B 258 1.69 18.90 7.21
CA ASP B 258 1.64 18.22 8.49
C ASP B 258 0.31 18.79 9.06
N VAL B 259 -0.75 18.02 8.97
CA VAL B 259 -2.12 18.57 9.11
C VAL B 259 -2.53 18.44 10.55
N TYR B 260 -2.83 19.58 11.13
CA TYR B 260 -3.19 19.70 12.54
C TYR B 260 -4.54 18.99 12.75
N GLU B 261 -4.80 18.58 13.99
CA GLU B 261 -5.99 17.79 14.32
C GLU B 261 -7.30 18.50 14.11
N ASN B 262 -7.30 19.77 14.47
CA ASN B 262 -8.48 20.68 14.34
C ASN B 262 -8.44 21.55 13.12
N GLU B 263 -7.66 21.13 12.12
CA GLU B 263 -7.57 21.84 10.87
C GLU B 263 -7.83 20.86 9.76
N ARG B 264 -8.47 19.75 10.08
CA ARG B 264 -8.49 18.63 9.20
C ARG B 264 -9.65 18.69 8.22
N ASP B 265 -9.84 19.87 7.66
CA ASP B 265 -10.93 20.17 6.77
C ASP B 265 -10.39 21.02 5.63
N PHE B 281 -7.66 14.66 0.55
CA PHE B 281 -6.57 13.81 1.01
C PHE B 281 -6.26 12.68 0.00
N ARG B 282 -7.26 11.87 -0.33
CA ARG B 282 -7.04 10.66 -1.15
C ARG B 282 -6.71 11.00 -2.61
N ARG B 283 -7.48 11.91 -3.17
CA ARG B 283 -7.30 12.17 -4.55
C ARG B 283 -5.99 12.89 -4.86
N LEU B 284 -5.64 13.86 -4.04
CA LEU B 284 -4.40 14.58 -4.37
C LEU B 284 -3.13 13.77 -3.93
N SER B 285 -3.25 12.93 -2.88
CA SER B 285 -2.23 11.91 -2.50
C SER B 285 -2.00 10.91 -3.64
N ALA B 286 -3.10 10.60 -4.29
CA ALA B 286 -3.14 9.66 -5.40
C ALA B 286 -2.52 10.20 -6.65
N CYS B 287 -2.98 11.36 -7.08
CA CYS B 287 -2.70 11.89 -8.39
C CYS B 287 -1.71 13.06 -8.51
N HIS B 288 -1.01 13.36 -7.41
CA HIS B 288 -0.02 14.42 -7.37
C HIS B 288 1.05 14.02 -6.43
N ASN B 289 2.21 14.69 -6.43
CA ASN B 289 3.27 14.46 -5.43
C ASN B 289 2.86 15.27 -4.20
N VAL B 290 1.82 14.77 -3.51
CA VAL B 290 1.28 15.34 -2.27
C VAL B 290 1.44 14.37 -1.08
N LEU B 291 1.83 14.88 0.08
CA LEU B 291 2.10 14.06 1.22
C LEU B 291 1.55 14.69 2.43
N PHE B 292 0.70 13.96 3.13
CA PHE B 292 0.21 14.38 4.40
C PHE B 292 0.79 13.58 5.52
N THR B 293 1.11 14.25 6.62
CA THR B 293 1.38 13.58 7.87
C THR B 293 0.47 14.17 8.95
N GLY B 294 0.23 13.40 10.01
CA GLY B 294 -0.88 13.72 10.97
C GLY B 294 -0.50 14.57 12.13
N HIS B 295 0.07 15.74 11.87
CA HIS B 295 0.64 16.54 12.96
C HIS B 295 1.72 15.79 13.69
N GLN B 296 2.73 15.38 12.94
CA GLN B 296 3.77 14.52 13.39
C GLN B 296 5.11 15.25 13.66
N ALA B 297 5.15 16.54 13.47
CA ALA B 297 6.44 17.24 13.45
C ALA B 297 7.15 17.23 14.77
N PHE B 298 6.42 17.13 15.91
CA PHE B 298 7.11 17.02 17.21
C PHE B 298 7.26 15.57 17.71
N LEU B 299 6.96 14.59 16.86
CA LEU B 299 6.93 13.17 17.31
C LEU B 299 8.32 12.50 17.28
N THR B 300 9.20 12.97 18.13
CA THR B 300 10.42 12.27 18.46
C THR B 300 10.51 11.97 19.94
N ALA B 301 11.36 11.01 20.33
CA ALA B 301 11.58 10.67 21.70
C ALA B 301 11.98 11.89 22.50
N GLU B 302 12.94 12.65 22.00
CA GLU B 302 13.47 13.84 22.71
C GLU B 302 12.41 14.91 22.83
N ALA B 303 11.63 15.10 21.78
CA ALA B 303 10.65 16.18 21.84
C ALA B 303 9.45 15.80 22.74
N LEU B 304 9.02 14.55 22.68
CA LEU B 304 7.98 14.07 23.56
C LEU B 304 8.42 14.09 25.01
N THR B 305 9.68 13.80 25.28
CA THR B 305 10.29 13.95 26.57
C THR B 305 10.23 15.41 27.07
N SER B 306 10.58 16.37 26.22
CA SER B 306 10.51 17.77 26.64
C SER B 306 9.08 18.13 27.00
N ILE B 307 8.14 17.75 26.14
CA ILE B 307 6.72 18.05 26.39
C ILE B 307 6.27 17.47 27.76
N SER B 308 6.60 16.22 28.04
CA SER B 308 6.33 15.58 29.33
C SER B 308 7.01 16.23 30.51
N GLN B 309 8.29 16.55 30.39
CA GLN B 309 9.04 17.30 31.42
C GLN B 309 8.39 18.60 31.76
N THR B 310 8.14 19.41 30.75
CA THR B 310 7.46 20.65 30.96
C THR B 310 6.07 20.50 31.58
N THR B 311 5.30 19.54 31.07
CA THR B 311 3.97 19.31 31.59
C THR B 311 4.00 18.99 33.10
N LEU B 312 4.85 18.05 33.49
CA LEU B 312 4.88 17.61 34.85
C LEU B 312 5.50 18.68 35.75
N GLN B 313 6.49 19.39 35.22
CA GLN B 313 7.06 20.55 35.91
C GLN B 313 6.03 21.65 36.04
N ASN B 314 5.26 21.93 35.00
CA ASN B 314 4.18 22.91 35.14
C ASN B 314 3.25 22.54 36.34
N LEU B 315 2.83 21.29 36.39
CA LEU B 315 1.92 20.83 37.45
C LEU B 315 2.58 20.90 38.83
N SER B 316 3.86 20.55 38.89
CA SER B 316 4.60 20.62 40.11
C SER B 316 4.64 22.06 40.64
N ASN B 317 4.91 23.02 39.75
CA ASN B 317 4.79 24.46 40.12
C ASN B 317 3.44 24.79 40.79
N LEU B 318 2.35 24.39 40.14
CA LEU B 318 1.01 24.74 40.62
C LEU B 318 0.75 24.13 41.99
N GLU B 319 1.12 22.87 42.17
CA GLU B 319 0.94 22.14 43.42
C GLU B 319 1.70 22.77 44.57
N LYS B 320 2.88 23.31 44.29
CA LYS B 320 3.66 23.98 45.34
C LYS B 320 3.38 25.48 45.43
N GLY B 321 2.41 26.00 44.69
CA GLY B 321 2.16 27.44 44.68
C GLY B 321 3.25 28.27 44.02
N GLU B 322 4.25 27.65 43.37
CA GLU B 322 5.30 28.44 42.69
C GLU B 322 4.74 29.14 41.47
N THR B 323 5.50 30.08 40.93
CA THR B 323 5.09 30.78 39.74
C THR B 323 5.34 29.86 38.55
N CYS B 324 4.37 29.75 37.67
CA CYS B 324 4.49 28.93 36.49
C CYS B 324 4.54 29.84 35.29
N PRO B 325 5.72 29.97 34.65
CA PRO B 325 5.83 30.69 33.39
C PRO B 325 4.91 30.25 32.27
N ASN B 326 4.44 29.01 32.26
CA ASN B 326 3.58 28.55 31.17
C ASN B 326 2.10 28.55 31.48
N GLU B 327 1.73 29.31 32.51
CA GLU B 327 0.35 29.47 32.89
C GLU B 327 -0.36 30.34 31.89
N LEU B 328 -1.50 29.89 31.40
CA LEU B 328 -2.34 30.73 30.52
C LEU B 328 -3.38 31.48 31.36
N VAL B 329 -3.86 30.83 32.41
CA VAL B 329 -4.73 31.51 33.40
C VAL B 329 -4.64 30.75 34.70
N MET C 1 -36.98 4.97 26.40
CA MET C 1 -35.83 4.56 27.16
C MET C 1 -34.55 5.24 26.68
N LYS C 2 -33.54 5.27 27.54
CA LYS C 2 -32.25 5.87 27.18
C LYS C 2 -31.19 4.79 27.17
N LEU C 3 -30.42 4.75 26.06
CA LEU C 3 -29.47 3.71 25.81
C LEU C 3 -28.08 4.30 25.59
N ALA C 4 -27.11 3.84 26.36
CA ALA C 4 -25.70 4.20 26.17
C ALA C 4 -25.01 3.09 25.37
N VAL C 5 -24.38 3.45 24.26
CA VAL C 5 -23.76 2.51 23.35
C VAL C 5 -22.23 2.72 23.46
N TYR C 6 -21.54 1.67 23.88
CA TYR C 6 -20.10 1.65 24.04
C TYR C 6 -19.39 1.04 22.82
N SER C 7 -18.12 1.43 22.67
CA SER C 7 -17.26 0.95 21.59
C SER C 7 -17.83 1.25 20.21
N THR C 8 -18.47 2.41 20.11
CA THR C 8 -19.25 2.76 18.92
C THR C 8 -18.33 3.08 17.75
N LYS C 9 -18.54 2.36 16.66
CA LYS C 9 -17.94 2.72 15.38
C LYS C 9 -18.99 3.42 14.53
N GLN C 10 -18.55 4.15 13.50
CA GLN C 10 -19.49 4.93 12.67
C GLN C 10 -20.58 4.08 12.06
N TYR C 11 -20.25 2.86 11.70
CA TYR C 11 -21.26 1.98 11.08
C TYR C 11 -22.26 1.52 12.17
N ASP C 12 -21.78 1.29 13.41
CA ASP C 12 -22.71 0.98 14.54
C ASP C 12 -23.71 2.12 14.71
N LYS C 13 -23.17 3.32 14.81
CA LYS C 13 -24.02 4.47 14.93
C LYS C 13 -25.04 4.59 13.75
N LYS C 14 -24.57 4.41 12.53
CA LYS C 14 -25.44 4.65 11.37
C LYS C 14 -26.64 3.75 11.37
N TYR C 15 -26.43 2.45 11.59
CA TYR C 15 -27.57 1.52 11.60
C TYR C 15 -28.43 1.58 12.85
N LEU C 16 -27.84 1.84 14.01
CA LEU C 16 -28.67 2.03 15.21
C LEU C 16 -29.54 3.26 15.05
N GLN C 17 -28.98 4.33 14.53
CA GLN C 17 -29.81 5.53 14.26
C GLN C 17 -30.95 5.25 13.26
N GLN C 18 -30.63 4.58 12.17
CA GLN C 18 -31.62 4.23 11.19
C GLN C 18 -32.73 3.42 11.74
N VAL C 19 -32.38 2.37 12.44
CA VAL C 19 -33.39 1.48 12.96
C VAL C 19 -34.19 2.14 14.06
N ASN C 20 -33.54 3.03 14.82
CA ASN C 20 -34.20 3.66 15.95
C ASN C 20 -35.33 4.58 15.50
N GLU C 21 -35.39 4.90 14.22
CA GLU C 21 -36.53 5.59 13.66
C GLU C 21 -37.84 4.85 13.92
N SER C 22 -37.82 3.54 14.08
CA SER C 22 -39.03 2.81 14.50
C SER C 22 -39.20 2.64 15.97
N PHE C 23 -38.25 3.07 16.79
CA PHE C 23 -38.35 2.86 18.24
C PHE C 23 -38.36 4.12 19.07
N GLY C 24 -37.64 5.15 18.67
CA GLY C 24 -37.65 6.42 19.42
C GLY C 24 -36.91 6.41 20.74
N PHE C 25 -35.94 5.49 20.93
CA PHE C 25 -35.08 5.54 22.12
C PHE C 25 -34.20 6.77 22.09
N GLU C 26 -33.79 7.24 23.24
CA GLU C 26 -32.78 8.24 23.30
C GLU C 26 -31.45 7.47 23.31
N LEU C 27 -30.61 7.78 22.33
CA LEU C 27 -29.38 7.08 22.11
C LEU C 27 -28.22 7.97 22.49
N GLU C 28 -27.31 7.41 23.23
CA GLU C 28 -26.10 8.14 23.54
C GLU C 28 -24.91 7.27 23.12
N PHE C 29 -24.07 7.82 22.24
CA PHE C 29 -23.02 7.07 21.63
C PHE C 29 -21.68 7.42 22.23
N PHE C 30 -20.97 6.42 22.75
CA PHE C 30 -19.60 6.57 23.21
C PHE C 30 -18.68 5.70 22.36
N ASP C 31 -17.53 6.27 21.98
CA ASP C 31 -16.62 5.57 21.11
C ASP C 31 -15.66 4.72 21.92
N PHE C 32 -15.64 4.89 23.24
CA PHE C 32 -14.67 4.17 24.10
C PHE C 32 -15.24 2.88 24.71
N LEU C 33 -14.35 2.07 25.29
CA LEU C 33 -14.69 0.81 25.90
C LEU C 33 -15.47 1.00 27.20
N LEU C 34 -16.43 0.12 27.47
CA LEU C 34 -17.05 0.01 28.79
C LEU C 34 -16.05 -0.69 29.66
N THR C 35 -15.67 -0.02 30.75
CA THR C 35 -14.77 -0.57 31.74
C THR C 35 -15.37 -0.14 33.09
N GLU C 36 -14.77 -0.64 34.15
CA GLU C 36 -15.22 -0.30 35.50
C GLU C 36 -15.19 1.25 35.70
N LYS C 37 -14.24 1.91 35.10
CA LYS C 37 -14.07 3.38 35.23
C LYS C 37 -14.98 4.17 34.36
N THR C 38 -15.39 3.65 33.19
CA THR C 38 -16.29 4.37 32.30
C THR C 38 -17.80 4.00 32.52
N ALA C 39 -18.09 3.04 33.37
CA ALA C 39 -19.46 2.63 33.59
C ALA C 39 -20.33 3.74 34.17
N LYS C 40 -19.73 4.63 34.94
CA LYS C 40 -20.42 5.80 35.44
C LYS C 40 -20.93 6.73 34.31
N THR C 41 -20.39 6.59 33.10
CA THR C 41 -20.91 7.41 32.00
C THR C 41 -22.28 6.95 31.51
N ALA C 42 -22.75 5.79 31.97
CA ALA C 42 -24.08 5.34 31.67
C ALA C 42 -25.17 5.99 32.59
N ASN C 43 -24.80 6.88 33.48
CA ASN C 43 -25.77 7.49 34.39
C ASN C 43 -27.00 8.02 33.63
N GLY C 44 -28.18 7.70 34.16
CA GLY C 44 -29.42 8.16 33.60
C GLY C 44 -29.92 7.23 32.50
N CYS C 45 -29.18 6.18 32.16
CA CYS C 45 -29.64 5.27 31.13
C CYS C 45 -30.18 4.04 31.79
N GLU C 46 -31.26 3.50 31.27
CA GLU C 46 -31.72 2.19 31.69
C GLU C 46 -30.97 1.02 31.03
N ALA C 47 -30.32 1.28 29.89
CA ALA C 47 -29.70 0.23 29.11
C ALA C 47 -28.32 0.65 28.62
N VAL C 48 -27.42 -0.32 28.51
CA VAL C 48 -26.20 -0.16 27.67
C VAL C 48 -26.15 -1.17 26.55
N CYS C 49 -25.41 -0.81 25.50
CA CYS C 49 -25.23 -1.67 24.34
C CYS C 49 -23.73 -1.84 24.09
N ILE C 50 -23.26 -3.07 24.16
CA ILE C 50 -21.88 -3.41 24.17
C ILE C 50 -21.56 -4.41 23.06
N PHE C 51 -20.27 -4.57 22.78
CA PHE C 51 -19.77 -5.44 21.74
C PHE C 51 -18.65 -6.26 22.37
N VAL C 52 -17.77 -6.87 21.59
CA VAL C 52 -16.94 -7.96 22.10
C VAL C 52 -15.78 -7.58 22.99
N ASN C 53 -15.27 -6.36 22.90
CA ASN C 53 -14.19 -5.95 23.76
C ASN C 53 -14.61 -5.27 25.03
N ASP C 54 -15.87 -4.92 25.13
CA ASP C 54 -16.34 -4.22 26.32
C ASP C 54 -16.23 -5.13 27.50
N ASP C 55 -16.00 -4.58 28.68
CA ASP C 55 -15.83 -5.37 29.89
C ASP C 55 -17.12 -5.54 30.68
N GLY C 56 -17.65 -6.75 30.65
CA GLY C 56 -18.85 -7.04 31.41
C GLY C 56 -18.58 -7.96 32.57
N SER C 57 -17.40 -7.90 33.15
CA SER C 57 -17.12 -8.63 34.38
C SER C 57 -17.91 -8.05 35.57
N ARG C 58 -17.98 -8.80 36.67
CA ARG C 58 -18.72 -8.41 37.86
C ARG C 58 -18.51 -6.94 38.34
N PRO C 59 -17.26 -6.46 38.45
CA PRO C 59 -17.08 -5.11 39.02
C PRO C 59 -17.71 -4.07 38.12
N VAL C 60 -17.71 -4.33 36.81
CA VAL C 60 -18.34 -3.38 35.87
C VAL C 60 -19.86 -3.44 36.03
N LEU C 61 -20.40 -4.65 36.10
CA LEU C 61 -21.82 -4.85 36.23
C LEU C 61 -22.33 -4.26 37.53
N GLU C 62 -21.51 -4.35 38.56
CA GLU C 62 -21.87 -3.71 39.85
C GLU C 62 -21.94 -2.22 39.72
N GLU C 63 -20.95 -1.61 39.07
CA GLU C 63 -20.98 -0.19 38.82
C GLU C 63 -22.17 0.25 37.92
N LEU C 64 -22.51 -0.51 36.89
CA LEU C 64 -23.73 -0.25 36.11
C LEU C 64 -25.02 -0.24 36.96
N LYS C 65 -25.20 -1.31 37.73
CA LYS C 65 -26.36 -1.41 38.61
C LYS C 65 -26.45 -0.25 39.59
N LYS C 66 -25.32 0.15 40.16
CA LYS C 66 -25.32 1.33 41.06
C LYS C 66 -25.76 2.57 40.34
N HIS C 67 -25.54 2.65 39.02
CA HIS C 67 -25.94 3.87 38.29
C HIS C 67 -27.31 3.74 37.67
N GLY C 68 -28.05 2.72 38.06
CA GLY C 68 -29.46 2.54 37.63
C GLY C 68 -29.66 1.75 36.37
N VAL C 69 -28.61 1.19 35.83
CA VAL C 69 -28.76 0.43 34.58
C VAL C 69 -29.47 -0.85 34.91
N LYS C 70 -30.41 -1.26 34.06
CA LYS C 70 -31.16 -2.51 34.23
C LYS C 70 -30.88 -3.57 33.16
N TYR C 71 -30.48 -3.12 31.97
CA TYR C 71 -30.42 -4.01 30.79
C TYR C 71 -29.08 -3.85 30.07
N ILE C 72 -28.55 -4.98 29.60
CA ILE C 72 -27.30 -5.04 28.88
C ILE C 72 -27.57 -5.73 27.56
N ALA C 73 -27.33 -5.04 26.48
CA ALA C 73 -27.60 -5.58 25.17
C ALA C 73 -26.30 -5.74 24.39
N LEU C 74 -25.95 -6.99 24.12
CA LEU C 74 -24.82 -7.31 23.30
C LEU C 74 -25.28 -7.18 21.84
N ARG C 75 -24.63 -6.29 21.07
CA ARG C 75 -24.89 -6.18 19.60
C ARG C 75 -24.03 -7.22 18.84
N CYS C 76 -24.08 -8.44 19.32
CA CYS C 76 -23.27 -9.55 18.81
C CYS C 76 -23.83 -10.86 19.34
N ALA C 77 -23.29 -11.98 18.90
CA ALA C 77 -23.68 -13.31 19.34
C ALA C 77 -22.88 -13.80 20.51
N GLY C 78 -21.61 -13.49 20.54
CA GLY C 78 -20.70 -13.91 21.65
C GLY C 78 -20.99 -13.15 22.95
N PHE C 79 -20.75 -13.80 24.08
CA PHE C 79 -21.08 -13.26 25.39
C PHE C 79 -20.05 -13.62 26.41
N ASN C 80 -18.87 -14.04 25.95
CA ASN C 80 -17.83 -14.42 26.92
C ASN C 80 -17.23 -13.24 27.67
N ASN C 81 -17.44 -11.99 27.22
CA ASN C 81 -16.99 -10.84 27.97
C ASN C 81 -18.00 -10.42 29.07
N VAL C 82 -19.12 -11.15 29.24
CA VAL C 82 -20.10 -10.83 30.29
C VAL C 82 -20.17 -11.93 31.29
N ASP C 83 -20.07 -11.57 32.58
CA ASP C 83 -20.28 -12.53 33.67
C ASP C 83 -21.80 -12.70 33.93
N LEU C 84 -22.39 -13.71 33.31
CA LEU C 84 -23.83 -13.88 33.33
C LEU C 84 -24.35 -14.23 34.71
N ASP C 85 -23.54 -14.94 35.51
CA ASP C 85 -23.95 -15.37 36.87
C ASP C 85 -24.04 -14.12 37.68
N ALA C 86 -23.01 -13.27 37.59
CA ALA C 86 -23.02 -11.99 38.31
C ALA C 86 -24.17 -11.12 37.83
N ALA C 87 -24.41 -11.09 36.54
CA ALA C 87 -25.56 -10.34 36.06
C ALA C 87 -26.85 -10.83 36.67
N LYS C 88 -27.01 -12.15 36.68
CA LYS C 88 -28.24 -12.75 37.21
C LYS C 88 -28.38 -12.40 38.68
N GLU C 89 -27.31 -12.55 39.46
CA GLU C 89 -27.32 -12.18 40.88
C GLU C 89 -27.68 -10.76 41.14
N LEU C 90 -27.24 -9.86 40.27
CA LEU C 90 -27.47 -8.46 40.43
C LEU C 90 -28.85 -8.04 39.90
N GLY C 91 -29.58 -8.94 39.26
CA GLY C 91 -30.89 -8.58 38.72
C GLY C 91 -30.84 -7.94 37.36
N LEU C 92 -29.67 -7.95 36.68
CA LEU C 92 -29.55 -7.26 35.40
C LEU C 92 -29.96 -8.23 34.28
N LYS C 93 -30.67 -7.73 33.26
CA LYS C 93 -31.04 -8.55 32.07
C LYS C 93 -29.93 -8.45 31.02
N VAL C 94 -29.65 -9.55 30.34
CA VAL C 94 -28.65 -9.55 29.31
C VAL C 94 -29.31 -10.13 28.09
N VAL C 95 -29.24 -9.39 26.99
CA VAL C 95 -29.77 -9.86 25.74
C VAL C 95 -28.66 -9.84 24.68
N ARG C 96 -28.87 -10.58 23.62
CA ARG C 96 -27.89 -10.67 22.55
C ARG C 96 -28.54 -10.85 21.21
N VAL C 97 -27.73 -10.83 20.18
CA VAL C 97 -28.17 -11.11 18.83
C VAL C 97 -27.82 -12.59 18.60
N PRO C 98 -28.81 -13.43 18.34
CA PRO C 98 -28.56 -14.89 18.37
C PRO C 98 -27.63 -15.38 17.30
N ALA C 99 -27.68 -14.80 16.10
CA ALA C 99 -26.75 -15.14 15.03
C ALA C 99 -26.71 -14.06 13.98
N TYR C 100 -25.63 -13.97 13.27
CA TYR C 100 -25.53 -13.01 12.17
C TYR C 100 -26.22 -13.57 10.89
N ASP C 101 -26.69 -12.70 10.01
CA ASP C 101 -27.20 -13.01 8.68
C ASP C 101 -26.24 -14.05 8.10
N PRO C 102 -26.70 -15.30 7.94
CA PRO C 102 -25.74 -16.33 7.56
C PRO C 102 -25.19 -16.12 6.15
N GLU C 103 -25.97 -15.53 5.25
CA GLU C 103 -25.49 -15.25 3.91
C GLU C 103 -24.39 -14.17 3.93
N ALA C 104 -24.48 -13.17 4.79
CA ALA C 104 -23.40 -12.14 4.84
C ALA C 104 -22.09 -12.74 5.19
N VAL C 105 -22.12 -13.66 6.15
CA VAL C 105 -20.92 -14.30 6.61
C VAL C 105 -20.37 -15.24 5.55
N ALA C 106 -21.22 -16.10 4.99
CA ALA C 106 -20.73 -16.97 3.95
C ALA C 106 -20.17 -16.20 2.83
N GLU C 107 -20.82 -15.12 2.44
CA GLU C 107 -20.35 -14.32 1.27
C GLU C 107 -19.03 -13.64 1.56
N HIS C 108 -18.81 -13.27 2.82
CA HIS C 108 -17.47 -12.83 3.20
C HIS C 108 -16.44 -13.92 3.06
N ALA C 109 -16.80 -15.16 3.44
CA ALA C 109 -15.84 -16.23 3.34
C ALA C 109 -15.49 -16.47 1.87
N ILE C 110 -16.49 -16.45 0.98
CA ILE C 110 -16.16 -16.65 -0.47
C ILE C 110 -15.39 -15.52 -1.04
N GLY C 111 -15.67 -14.34 -0.56
CA GLY C 111 -14.91 -13.14 -0.95
C GLY C 111 -13.42 -13.28 -0.58
N MET C 112 -13.18 -13.74 0.64
CA MET C 112 -11.75 -14.03 1.07
C MET C 112 -11.12 -15.10 0.22
N MET C 113 -11.86 -16.19 -0.03
CA MET C 113 -11.38 -17.26 -0.84
C MET C 113 -11.01 -16.86 -2.25
N MET C 114 -11.87 -16.08 -2.91
CA MET C 114 -11.56 -15.59 -4.26
C MET C 114 -10.49 -14.48 -4.35
N THR C 115 -10.49 -13.58 -3.39
CA THR C 115 -9.40 -12.62 -3.27
C THR C 115 -8.04 -13.34 -3.14
N LEU C 116 -7.96 -14.34 -2.26
CA LEU C 116 -6.77 -15.16 -2.12
C LEU C 116 -6.45 -15.93 -3.37
N ASN C 117 -7.45 -16.62 -3.94
CA ASN C 117 -7.22 -17.41 -5.12
C ASN C 117 -6.58 -16.62 -6.27
N ARG C 118 -7.25 -15.56 -6.67
CA ARG C 118 -6.79 -14.73 -7.81
C ARG C 118 -5.89 -13.58 -7.38
N ARG C 119 -5.45 -13.56 -6.14
CA ARG C 119 -4.54 -12.53 -5.60
C ARG C 119 -4.97 -11.11 -5.90
N ILE C 120 -6.23 -10.86 -5.76
CA ILE C 120 -6.80 -9.58 -6.17
C ILE C 120 -6.35 -8.48 -5.23
N HIS C 121 -6.11 -8.84 -3.97
CA HIS C 121 -5.54 -7.88 -2.99
C HIS C 121 -4.16 -7.44 -3.38
N ARG C 122 -3.35 -8.34 -3.91
CA ARG C 122 -2.05 -7.99 -4.50
C ARG C 122 -2.17 -7.26 -5.81
N ALA C 123 -3.07 -7.71 -6.66
CA ALA C 123 -3.28 -7.01 -7.93
C ALA C 123 -3.60 -5.54 -7.70
N TYR C 124 -4.53 -5.23 -6.81
CA TYR C 124 -4.89 -3.85 -6.54
C TYR C 124 -3.67 -3.03 -6.09
N GLN C 125 -2.86 -3.59 -5.20
CA GLN C 125 -1.63 -2.88 -4.72
C GLN C 125 -0.77 -2.50 -5.91
N ARG C 126 -0.72 -3.35 -6.92
CA ARG C 126 0.03 -3.04 -8.16
C ARG C 126 -0.68 -2.03 -9.04
N THR C 127 -1.92 -2.33 -9.38
CA THR C 127 -2.63 -1.48 -10.32
C THR C 127 -2.97 -0.11 -9.76
N ARG C 128 -3.10 0.08 -8.45
CA ARG C 128 -3.38 1.44 -7.94
C ARG C 128 -2.20 2.36 -8.26
N ASP C 129 -1.03 1.77 -8.50
CA ASP C 129 0.14 2.52 -8.88
C ASP C 129 0.57 2.14 -10.33
N ALA C 130 -0.44 1.80 -11.15
CA ALA C 130 -0.25 1.54 -12.57
C ALA C 130 0.81 0.48 -12.91
N ASN C 131 1.00 -0.50 -12.06
CA ASN C 131 1.81 -1.68 -12.40
C ASN C 131 0.85 -2.82 -12.77
N PHE C 132 0.90 -3.23 -14.01
CA PHE C 132 0.02 -4.22 -14.55
C PHE C 132 0.70 -5.57 -14.72
N SER C 133 1.82 -5.81 -14.09
CA SER C 133 2.45 -7.14 -14.16
C SER C 133 1.53 -8.13 -13.47
N LEU C 134 1.43 -9.32 -14.05
CA LEU C 134 0.60 -10.43 -13.54
C LEU C 134 1.45 -11.54 -12.94
N GLU C 135 2.77 -11.37 -12.94
CA GLU C 135 3.67 -12.39 -12.37
C GLU C 135 3.32 -12.64 -10.89
N GLY C 136 3.25 -13.92 -10.51
CA GLY C 136 2.87 -14.28 -9.15
C GLY C 136 1.38 -14.25 -8.81
N LEU C 137 0.52 -13.80 -9.73
CA LEU C 137 -0.90 -13.62 -9.43
C LEU C 137 -1.74 -14.83 -9.87
N THR C 138 -1.08 -15.86 -10.42
CA THR C 138 -1.77 -16.96 -11.02
C THR C 138 -2.60 -17.67 -9.98
N GLY C 139 -3.86 -17.98 -10.28
CA GLY C 139 -4.70 -18.68 -9.35
C GLY C 139 -5.06 -20.05 -9.83
N PHE C 140 -6.23 -20.54 -9.40
CA PHE C 140 -6.76 -21.83 -9.82
C PHE C 140 -8.23 -21.75 -10.14
N THR C 141 -8.63 -22.47 -11.16
CA THR C 141 -10.04 -22.58 -11.53
C THR C 141 -10.76 -23.38 -10.48
N MET C 142 -11.85 -22.81 -9.95
CA MET C 142 -12.59 -23.45 -8.86
C MET C 142 -13.47 -24.60 -9.38
N TYR C 143 -14.02 -24.36 -10.56
CA TYR C 143 -14.95 -25.32 -11.19
C TYR C 143 -14.30 -26.70 -11.16
N GLY C 144 -15.00 -27.65 -10.58
CA GLY C 144 -14.50 -29.04 -10.65
C GLY C 144 -13.62 -29.42 -9.51
N LYS C 145 -13.22 -28.49 -8.64
CA LYS C 145 -12.42 -28.83 -7.47
C LYS C 145 -13.37 -29.29 -6.35
N THR C 146 -12.78 -29.64 -5.21
CA THR C 146 -13.52 -30.13 -4.07
C THR C 146 -13.40 -29.12 -2.94
N ALA C 147 -14.56 -28.79 -2.35
CA ALA C 147 -14.62 -27.92 -1.25
C ALA C 147 -15.06 -28.71 -0.05
N GLY C 148 -14.42 -28.46 1.08
CA GLY C 148 -14.85 -29.01 2.36
C GLY C 148 -15.31 -27.99 3.35
N VAL C 149 -16.55 -28.14 3.83
CA VAL C 149 -17.12 -27.24 4.78
C VAL C 149 -17.24 -27.94 6.12
N ILE C 150 -16.67 -27.36 7.15
CA ILE C 150 -16.71 -27.93 8.50
C ILE C 150 -17.73 -27.16 9.32
N GLY C 151 -18.87 -27.80 9.55
CA GLY C 151 -19.98 -27.22 10.22
C GLY C 151 -21.06 -26.93 9.19
N THR C 152 -22.25 -27.52 9.37
CA THR C 152 -23.39 -27.32 8.46
C THR C 152 -24.62 -26.74 9.15
N GLY C 153 -24.39 -25.75 10.04
CA GLY C 153 -25.45 -24.84 10.50
C GLY C 153 -25.90 -23.93 9.36
N LYS C 154 -26.65 -22.89 9.66
CA LYS C 154 -27.14 -22.02 8.61
C LYS C 154 -26.00 -21.37 7.82
N ILE C 155 -24.93 -20.98 8.49
CA ILE C 155 -23.83 -20.31 7.75
C ILE C 155 -23.19 -21.27 6.77
N GLY C 156 -22.85 -22.47 7.25
CA GLY C 156 -22.22 -23.47 6.43
C GLY C 156 -23.04 -23.88 5.24
N VAL C 157 -24.34 -23.99 5.43
CA VAL C 157 -25.22 -24.31 4.33
C VAL C 157 -25.27 -23.16 3.33
N ALA C 158 -25.37 -21.91 3.82
CA ALA C 158 -25.22 -20.75 2.92
C ALA C 158 -23.93 -20.78 2.11
N MET C 159 -22.86 -21.21 2.75
CA MET C 159 -21.60 -21.38 2.05
C MET C 159 -21.66 -22.46 0.99
N LEU C 160 -22.21 -23.59 1.35
CA LEU C 160 -22.36 -24.68 0.40
C LEU C 160 -23.19 -24.29 -0.80
N ARG C 161 -24.23 -23.49 -0.61
CA ARG C 161 -25.00 -23.01 -1.75
C ARG C 161 -24.19 -22.25 -2.73
N ILE C 162 -23.33 -21.38 -2.19
CA ILE C 162 -22.46 -20.62 -3.06
C ILE C 162 -21.46 -21.53 -3.77
N LEU C 163 -20.85 -22.45 -3.03
CA LEU C 163 -19.78 -23.30 -3.58
C LEU C 163 -20.38 -24.17 -4.67
N LYS C 164 -21.65 -24.55 -4.48
CA LYS C 164 -22.34 -25.34 -5.50
C LYS C 164 -22.41 -24.57 -6.76
N GLY C 165 -22.73 -23.29 -6.69
CA GLY C 165 -22.77 -22.38 -7.84
C GLY C 165 -21.48 -22.32 -8.58
N PHE C 166 -20.37 -22.51 -7.88
CA PHE C 166 -19.05 -22.55 -8.55
C PHE C 166 -18.79 -23.89 -9.27
N GLY C 167 -19.66 -24.87 -9.07
CA GLY C 167 -19.49 -26.17 -9.73
C GLY C 167 -18.47 -27.06 -9.06
N MET C 168 -18.37 -26.96 -7.73
CA MET C 168 -17.37 -27.70 -6.95
C MET C 168 -17.99 -28.90 -6.31
N ARG C 169 -17.18 -29.91 -6.06
CA ARG C 169 -17.71 -31.08 -5.36
C ARG C 169 -17.75 -30.70 -3.90
N LEU C 170 -18.86 -31.03 -3.25
CA LEU C 170 -19.15 -30.59 -1.90
C LEU C 170 -19.04 -31.66 -0.84
N LEU C 171 -18.08 -31.48 0.05
CA LEU C 171 -17.90 -32.34 1.19
C LEU C 171 -18.12 -31.55 2.42
N ALA C 172 -18.64 -32.18 3.44
CA ALA C 172 -18.85 -31.55 4.69
C ALA C 172 -18.56 -32.50 5.84
N PHE C 173 -18.24 -31.89 6.98
CA PHE C 173 -18.24 -32.59 8.25
C PHE C 173 -19.12 -31.84 9.24
N ASP C 174 -19.97 -32.60 9.91
CA ASP C 174 -20.72 -32.12 11.02
C ASP C 174 -21.22 -33.39 11.77
N PRO C 175 -21.18 -33.36 13.12
CA PRO C 175 -21.78 -34.48 13.84
C PRO C 175 -23.21 -34.79 13.39
N TYR C 176 -23.99 -33.75 13.11
CA TYR C 176 -25.40 -33.92 12.79
C TYR C 176 -25.77 -33.46 11.43
N PRO C 177 -25.88 -34.39 10.48
CA PRO C 177 -26.15 -33.93 9.13
C PRO C 177 -27.43 -33.11 8.97
N SER C 178 -27.40 -32.13 8.08
CA SER C 178 -28.49 -31.20 7.86
C SER C 178 -29.18 -31.52 6.55
N ALA C 179 -30.51 -31.54 6.58
CA ALA C 179 -31.32 -31.94 5.42
C ALA C 179 -31.04 -30.98 4.27
N ALA C 180 -30.97 -29.69 4.60
CA ALA C 180 -30.79 -28.66 3.62
C ALA C 180 -29.48 -28.90 2.87
N ALA C 181 -28.43 -29.33 3.57
CA ALA C 181 -27.18 -29.63 2.91
C ALA C 181 -27.33 -30.81 1.95
N LEU C 182 -28.10 -31.82 2.35
CA LEU C 182 -28.23 -33.06 1.54
C LEU C 182 -28.97 -32.79 0.26
N GLU C 183 -29.99 -31.92 0.27
CA GLU C 183 -30.58 -31.42 -0.99
C GLU C 183 -29.60 -30.74 -1.98
N LEU C 184 -28.51 -30.14 -1.49
CA LEU C 184 -27.51 -29.53 -2.34
C LEU C 184 -26.57 -30.56 -2.91
N GLY C 185 -26.71 -31.82 -2.49
CA GLY C 185 -25.81 -32.85 -2.98
C GLY C 185 -24.57 -33.00 -2.16
N VAL C 186 -24.55 -32.48 -0.96
CA VAL C 186 -23.34 -32.51 -0.13
C VAL C 186 -23.08 -33.95 0.38
N GLU C 187 -21.83 -34.38 0.35
CA GLU C 187 -21.48 -35.70 0.92
C GLU C 187 -20.83 -35.48 2.28
N TYR C 188 -21.48 -35.94 3.35
CA TYR C 188 -20.88 -35.88 4.66
C TYR C 188 -19.76 -36.90 4.71
N VAL C 189 -18.63 -36.52 5.29
CA VAL C 189 -17.50 -37.41 5.40
C VAL C 189 -16.87 -37.16 6.75
N ASP C 190 -15.87 -37.95 7.11
CA ASP C 190 -15.15 -37.74 8.37
C ASP C 190 -14.03 -36.76 8.12
N LEU C 191 -13.52 -36.18 9.18
CA LEU C 191 -12.51 -35.14 9.05
C LEU C 191 -11.29 -35.55 8.25
N PRO C 192 -10.75 -36.75 8.50
CA PRO C 192 -9.62 -37.19 7.68
C PRO C 192 -9.89 -37.21 6.17
N THR C 193 -11.10 -37.59 5.76
CA THR C 193 -11.43 -37.61 4.32
C THR C 193 -11.56 -36.16 3.87
N LEU C 194 -12.18 -35.32 4.68
CA LEU C 194 -12.37 -33.90 4.29
C LEU C 194 -11.00 -33.24 4.06
N PHE C 195 -10.09 -33.40 5.04
CA PHE C 195 -8.72 -32.91 4.92
C PHE C 195 -8.00 -33.39 3.66
N SER C 196 -8.12 -34.69 3.37
CA SER C 196 -7.28 -35.27 2.34
C SER C 196 -7.84 -35.00 0.97
N GLU C 197 -9.15 -34.85 0.87
CA GLU C 197 -9.78 -34.69 -0.43
C GLU C 197 -10.02 -33.17 -0.83
N SER C 198 -9.89 -32.23 0.09
CA SER C 198 -10.42 -30.87 -0.17
C SER C 198 -9.35 -29.93 -0.75
N ASP C 199 -9.69 -29.26 -1.86
CA ASP C 199 -8.86 -28.19 -2.43
C ASP C 199 -8.99 -26.91 -1.64
N VAL C 200 -10.18 -26.68 -1.06
CA VAL C 200 -10.48 -25.51 -0.24
C VAL C 200 -11.30 -25.98 0.93
N ILE C 201 -11.02 -25.41 2.07
CA ILE C 201 -11.68 -25.75 3.31
C ILE C 201 -12.18 -24.48 3.92
N SER C 202 -13.39 -24.50 4.45
CA SER C 202 -13.93 -23.31 5.10
C SER C 202 -14.64 -23.74 6.41
N LEU C 203 -14.38 -23.03 7.48
CA LEU C 203 -14.91 -23.37 8.80
C LEU C 203 -16.10 -22.54 9.16
N HIS C 204 -17.17 -23.22 9.51
CA HIS C 204 -18.45 -22.62 9.86
C HIS C 204 -19.07 -23.35 11.04
N CYS C 205 -18.36 -23.40 12.15
CA CYS C 205 -18.81 -24.14 13.31
C CYS C 205 -18.51 -23.37 14.59
N PRO C 206 -19.35 -23.57 15.64
CA PRO C 206 -19.04 -22.93 16.91
C PRO C 206 -17.80 -23.56 17.51
N LEU C 207 -17.09 -22.79 18.33
CA LEU C 207 -15.99 -23.30 19.13
C LEU C 207 -16.53 -24.10 20.32
N THR C 208 -16.13 -25.35 20.43
CA THR C 208 -16.48 -26.23 21.53
C THR C 208 -15.18 -26.83 22.05
N PRO C 209 -15.23 -27.43 23.25
CA PRO C 209 -14.09 -28.22 23.73
C PRO C 209 -13.59 -29.26 22.72
N GLU C 210 -14.49 -29.96 22.02
CA GLU C 210 -14.14 -31.04 21.04
C GLU C 210 -13.34 -30.55 19.86
N ASN C 211 -13.62 -29.34 19.41
CA ASN C 211 -13.00 -28.84 18.19
C ASN C 211 -12.00 -27.69 18.41
N TYR C 212 -11.72 -27.37 19.67
CA TYR C 212 -10.64 -26.48 20.00
C TYR C 212 -9.35 -27.01 19.34
N HIS C 213 -8.60 -26.11 18.69
CA HIS C 213 -7.43 -26.48 17.86
C HIS C 213 -7.72 -27.62 16.90
N LEU C 214 -8.94 -27.68 16.37
CA LEU C 214 -9.27 -28.69 15.38
C LEU C 214 -8.27 -28.76 14.20
N LEU C 215 -7.81 -27.63 13.71
CA LEU C 215 -6.79 -27.61 12.66
C LEU C 215 -5.43 -27.40 13.29
N ASN C 216 -4.76 -28.53 13.49
CA ASN C 216 -3.46 -28.61 14.12
C ASN C 216 -2.50 -29.33 13.19
N GLU C 217 -1.29 -29.59 13.66
CA GLU C 217 -0.25 -30.19 12.83
C GLU C 217 -0.75 -31.45 12.14
N ALA C 218 -1.46 -32.30 12.86
CA ALA C 218 -1.93 -33.60 12.33
C ALA C 218 -2.93 -33.41 11.20
N ALA C 219 -3.82 -32.42 11.38
CA ALA C 219 -4.77 -32.01 10.35
C ALA C 219 -4.03 -31.55 9.11
N PHE C 220 -3.15 -30.55 9.27
CA PHE C 220 -2.38 -30.03 8.12
C PHE C 220 -1.58 -31.08 7.40
N ASP C 221 -0.98 -31.95 8.21
CA ASP C 221 -0.25 -33.14 7.73
C ASP C 221 -1.06 -33.88 6.67
N GLN C 222 -2.39 -34.01 6.88
CA GLN C 222 -3.24 -34.80 5.96
C GLN C 222 -3.78 -34.05 4.76
N MET C 223 -3.66 -32.73 4.76
CA MET C 223 -4.23 -31.90 3.69
C MET C 223 -3.42 -31.97 2.42
N LYS C 224 -4.03 -31.59 1.29
CA LYS C 224 -3.26 -31.45 0.04
C LYS C 224 -2.27 -30.28 0.12
N ASN C 225 -1.17 -30.39 -0.61
CA ASN C 225 -0.23 -29.28 -0.73
C ASN C 225 -0.92 -28.17 -1.50
N GLY C 226 -0.84 -26.96 -0.98
CA GLY C 226 -1.46 -25.84 -1.69
C GLY C 226 -2.92 -25.63 -1.28
N VAL C 227 -3.38 -26.37 -0.29
CA VAL C 227 -4.76 -26.22 0.20
C VAL C 227 -5.06 -24.77 0.62
N MET C 228 -6.28 -24.35 0.32
CA MET C 228 -6.78 -22.99 0.69
C MET C 228 -7.69 -23.11 1.87
N ILE C 229 -7.43 -22.34 2.91
CA ILE C 229 -8.18 -22.44 4.15
C ILE C 229 -8.73 -21.08 4.48
N VAL C 230 -10.03 -21.03 4.74
CA VAL C 230 -10.67 -19.82 5.19
C VAL C 230 -11.37 -20.06 6.50
N ASN C 231 -11.11 -19.18 7.46
CA ASN C 231 -11.79 -19.21 8.72
C ASN C 231 -12.49 -18.00 9.07
N THR C 232 -13.79 -17.97 8.90
CA THR C 232 -14.62 -16.90 9.42
C THR C 232 -15.28 -17.30 10.74
N SER C 233 -14.95 -18.48 11.27
CA SER C 233 -15.43 -18.81 12.64
C SER C 233 -14.34 -18.39 13.64
N ARG C 234 -14.48 -18.78 14.89
CA ARG C 234 -13.48 -18.47 15.92
C ARG C 234 -12.05 -18.88 15.60
N GLY C 235 -11.12 -18.01 15.97
CA GLY C 235 -9.69 -18.22 15.70
C GLY C 235 -9.14 -19.50 16.32
N ALA C 236 -9.65 -19.88 17.47
CA ALA C 236 -9.13 -21.03 18.22
C ALA C 236 -9.43 -22.37 17.59
N LEU C 237 -10.27 -22.40 16.55
CA LEU C 237 -10.44 -23.63 15.77
C LEU C 237 -9.11 -23.98 15.12
N ILE C 238 -8.22 -23.01 14.99
CA ILE C 238 -6.94 -23.24 14.32
C ILE C 238 -5.81 -23.06 15.34
N ASP C 239 -4.83 -23.96 15.29
CA ASP C 239 -3.61 -23.85 16.05
C ASP C 239 -2.67 -22.97 15.23
N SER C 240 -2.56 -21.70 15.63
CA SER C 240 -1.76 -20.73 14.90
C SER C 240 -0.39 -21.25 14.57
N GLN C 241 0.30 -21.75 15.58
CA GLN C 241 1.66 -22.12 15.40
C GLN C 241 1.74 -23.16 14.34
N ALA C 242 0.88 -24.17 14.42
CA ALA C 242 0.94 -25.23 13.39
C ALA C 242 0.65 -24.65 11.98
N ALA C 243 -0.25 -23.67 11.91
CA ALA C 243 -0.61 -23.05 10.63
C ALA C 243 0.61 -22.37 10.03
N ILE C 244 1.30 -21.56 10.83
CA ILE C 244 2.48 -20.84 10.35
C ILE C 244 3.52 -21.82 9.82
N GLU C 245 3.72 -22.89 10.55
CA GLU C 245 4.66 -23.90 10.12
C GLU C 245 4.25 -24.50 8.79
N ALA C 246 2.96 -24.84 8.69
CA ALA C 246 2.46 -25.46 7.45
C ALA C 246 2.49 -24.46 6.28
N LEU C 247 2.40 -23.17 6.60
CA LEU C 247 2.61 -22.13 5.59
C LEU C 247 4.08 -22.15 5.11
N LYS C 248 5.00 -22.05 6.03
CA LYS C 248 6.40 -22.05 5.71
C LYS C 248 6.75 -23.29 4.91
N ASN C 249 6.40 -24.45 5.43
CA ASN C 249 6.55 -25.72 4.74
C ASN C 249 5.97 -25.71 3.32
N GLN C 250 4.96 -24.88 3.07
CA GLN C 250 4.20 -24.90 1.82
C GLN C 250 3.10 -26.01 1.71
N LYS C 251 2.61 -26.53 2.83
CA LYS C 251 1.42 -27.39 2.86
C LYS C 251 0.19 -26.53 2.56
N ILE C 252 0.04 -25.44 3.31
CA ILE C 252 -1.03 -24.47 3.08
C ILE C 252 -0.64 -23.49 1.96
N GLY C 253 -1.44 -23.46 0.91
CA GLY C 253 -1.24 -22.54 -0.20
C GLY C 253 -1.75 -21.14 0.08
N SER C 254 -2.86 -21.03 0.81
CA SER C 254 -3.45 -19.75 1.14
C SER C 254 -4.20 -19.88 2.44
N LEU C 255 -4.23 -18.83 3.21
CA LEU C 255 -4.94 -18.81 4.46
C LEU C 255 -5.66 -17.47 4.63
N GLY C 256 -6.96 -17.50 4.88
CA GLY C 256 -7.74 -16.34 5.19
C GLY C 256 -8.40 -16.47 6.56
N MET C 257 -8.29 -15.43 7.35
CA MET C 257 -8.80 -15.45 8.68
C MET C 257 -9.48 -14.15 8.95
N ASP C 258 -10.71 -14.25 9.44
CA ASP C 258 -11.44 -13.11 9.92
C ASP C 258 -11.22 -13.11 11.43
N VAL C 259 -10.36 -12.22 11.91
CA VAL C 259 -9.76 -12.26 13.22
C VAL C 259 -10.63 -11.49 14.17
N TYR C 260 -11.14 -12.21 15.17
CA TYR C 260 -12.06 -11.64 16.13
C TYR C 260 -11.31 -10.61 16.92
N GLU C 261 -12.05 -9.66 17.41
CA GLU C 261 -11.53 -8.45 17.96
C GLU C 261 -10.83 -8.63 19.36
N ASN C 262 -11.29 -9.64 20.11
CA ASN C 262 -10.71 -10.16 21.37
C ASN C 262 -9.97 -11.51 21.25
N GLU C 263 -9.54 -11.87 20.05
CA GLU C 263 -8.84 -13.12 19.83
C GLU C 263 -7.51 -12.81 19.15
N ARG C 264 -7.06 -11.56 19.14
CA ARG C 264 -5.89 -11.29 18.28
C ARG C 264 -4.60 -11.87 18.87
N ASP C 265 -4.70 -12.47 20.08
CA ASP C 265 -3.65 -13.25 20.79
C ASP C 265 -2.94 -12.36 21.77
N ASP C 279 4.40 -9.13 15.20
CA ASP C 279 3.80 -8.79 13.92
C ASP C 279 3.60 -10.03 13.06
N VAL C 280 3.18 -11.11 13.68
CA VAL C 280 2.90 -12.33 12.95
C VAL C 280 2.06 -11.98 11.75
N PHE C 281 1.20 -11.00 11.92
CA PHE C 281 0.30 -10.52 10.89
C PHE C 281 1.01 -9.94 9.70
N ARG C 282 2.05 -9.19 9.99
CA ARG C 282 2.81 -8.39 9.01
C ARG C 282 3.67 -9.31 8.23
N ARG C 283 4.32 -10.20 8.91
CA ARG C 283 5.23 -11.13 8.26
C ARG C 283 4.45 -12.09 7.33
N LEU C 284 3.37 -12.68 7.85
CA LEU C 284 2.63 -13.69 7.10
C LEU C 284 1.87 -13.12 5.90
N SER C 285 1.30 -11.91 6.12
CA SER C 285 0.67 -11.08 5.07
C SER C 285 1.69 -10.72 3.97
N ALA C 286 2.93 -10.43 4.36
CA ALA C 286 4.00 -10.09 3.38
C ALA C 286 4.53 -11.29 2.61
N CYS C 287 4.93 -12.32 3.36
CA CYS C 287 5.69 -13.45 2.81
C CYS C 287 4.86 -14.57 2.20
N HIS C 288 3.55 -14.64 2.50
CA HIS C 288 2.70 -15.78 2.07
C HIS C 288 1.37 -15.27 1.50
N ASN C 289 0.59 -16.17 0.88
CA ASN C 289 -0.74 -15.79 0.43
C ASN C 289 -1.70 -15.89 1.63
N VAL C 290 -1.53 -14.93 2.53
CA VAL C 290 -2.29 -14.83 3.79
C VAL C 290 -3.07 -13.53 3.83
N LEU C 291 -4.31 -13.60 4.31
CA LEU C 291 -5.18 -12.43 4.34
C LEU C 291 -5.91 -12.42 5.64
N PHE C 292 -5.77 -11.32 6.38
CA PHE C 292 -6.56 -11.09 7.57
C PHE C 292 -7.60 -10.03 7.31
N THR C 293 -8.77 -10.23 7.87
CA THR C 293 -9.81 -9.20 7.94
C THR C 293 -10.25 -9.11 9.36
N GLY C 294 -10.68 -7.94 9.77
CA GLY C 294 -10.81 -7.65 11.24
C GLY C 294 -12.20 -7.93 11.78
N HIS C 295 -12.62 -9.18 11.70
CA HIS C 295 -13.98 -9.56 12.10
C HIS C 295 -15.01 -8.80 11.28
N GLN C 296 -14.86 -8.93 9.97
CA GLN C 296 -15.63 -8.18 8.99
C GLN C 296 -16.78 -8.99 8.38
N ALA C 297 -16.95 -10.26 8.81
CA ALA C 297 -17.89 -11.14 8.14
C ALA C 297 -19.36 -10.70 8.14
N PHE C 298 -19.79 -9.98 9.17
CA PHE C 298 -21.13 -9.50 9.20
C PHE C 298 -21.26 -8.05 8.74
N LEU C 299 -20.17 -7.47 8.21
CA LEU C 299 -20.16 -6.04 7.91
C LEU C 299 -20.82 -5.68 6.52
N THR C 300 -22.13 -5.86 6.44
CA THR C 300 -22.94 -5.42 5.31
C THR C 300 -24.05 -4.59 5.87
N ALA C 301 -24.57 -3.67 5.03
CA ALA C 301 -25.69 -2.85 5.39
C ALA C 301 -26.81 -3.70 5.97
N GLU C 302 -27.13 -4.79 5.27
CA GLU C 302 -28.32 -5.61 5.62
C GLU C 302 -28.07 -6.35 6.92
N ALA C 303 -26.88 -6.90 7.10
CA ALA C 303 -26.59 -7.62 8.31
C ALA C 303 -26.47 -6.66 9.51
N LEU C 304 -25.91 -5.48 9.31
CA LEU C 304 -25.80 -4.51 10.42
C LEU C 304 -27.18 -4.01 10.77
N THR C 305 -28.03 -3.83 9.77
CA THR C 305 -29.46 -3.51 10.01
C THR C 305 -30.15 -4.60 10.88
N SER C 306 -29.93 -5.86 10.56
CA SER C 306 -30.58 -6.96 11.36
C SER C 306 -30.07 -6.90 12.80
N ILE C 307 -28.77 -6.69 12.98
CA ILE C 307 -28.17 -6.58 14.34
C ILE C 307 -28.82 -5.46 15.12
N SER C 308 -28.91 -4.27 14.52
CA SER C 308 -29.60 -3.17 15.15
C SER C 308 -31.08 -3.43 15.45
N GLN C 309 -31.80 -3.97 14.47
CA GLN C 309 -33.20 -4.30 14.65
C GLN C 309 -33.38 -5.17 15.84
N THR C 310 -32.66 -6.26 15.88
CA THR C 310 -32.80 -7.21 16.97
C THR C 310 -32.44 -6.60 18.32
N THR C 311 -31.35 -5.85 18.35
CA THR C 311 -30.91 -5.17 19.57
C THR C 311 -31.98 -4.23 20.13
N LEU C 312 -32.52 -3.34 19.28
CA LEU C 312 -33.53 -2.43 19.75
C LEU C 312 -34.88 -3.11 20.05
N GLN C 313 -35.21 -4.13 19.24
CA GLN C 313 -36.38 -5.00 19.55
C GLN C 313 -36.18 -5.79 20.84
N ASN C 314 -34.98 -6.31 21.09
CA ASN C 314 -34.72 -6.93 22.36
C ASN C 314 -35.05 -5.95 23.52
N LEU C 315 -34.54 -4.72 23.42
CA LEU C 315 -34.68 -3.75 24.51
C LEU C 315 -36.14 -3.31 24.67
N SER C 316 -36.84 -3.21 23.54
CA SER C 316 -38.24 -2.89 23.55
C SER C 316 -39.03 -3.95 24.27
N ASN C 317 -38.74 -5.21 24.00
CA ASN C 317 -39.31 -6.32 24.78
C ASN C 317 -39.14 -6.08 26.28
N LEU C 318 -37.90 -5.82 26.69
CA LEU C 318 -37.59 -5.77 28.12
C LEU C 318 -38.37 -4.64 28.78
N GLU C 319 -38.40 -3.50 28.12
CA GLU C 319 -39.08 -2.30 28.60
C GLU C 319 -40.58 -2.54 28.76
N LYS C 320 -41.19 -3.32 27.88
CA LYS C 320 -42.60 -3.61 27.97
C LYS C 320 -42.90 -4.91 28.73
N GLY C 321 -41.90 -5.53 29.35
CA GLY C 321 -42.11 -6.76 30.06
C GLY C 321 -42.41 -7.96 29.17
N GLU C 322 -42.34 -7.80 27.84
CA GLU C 322 -42.62 -8.93 26.93
C GLU C 322 -41.55 -9.96 27.04
N THR C 323 -41.80 -11.12 26.48
CA THR C 323 -40.84 -12.19 26.48
C THR C 323 -39.79 -11.86 25.46
N CYS C 324 -38.51 -12.05 25.80
CA CYS C 324 -37.43 -11.82 24.86
C CYS C 324 -36.71 -13.10 24.55
N PRO C 325 -36.93 -13.65 23.36
CA PRO C 325 -36.28 -14.89 22.96
C PRO C 325 -34.74 -14.85 22.98
N ASN C 326 -34.15 -13.65 22.96
CA ASN C 326 -32.69 -13.54 22.98
C ASN C 326 -32.09 -13.19 24.33
N GLU C 327 -32.90 -13.33 25.39
CA GLU C 327 -32.45 -13.11 26.74
C GLU C 327 -31.48 -14.21 27.16
N LEU C 328 -30.31 -13.85 27.67
CA LEU C 328 -29.37 -14.82 28.21
C LEU C 328 -29.64 -14.96 29.69
N VAL C 329 -30.01 -13.88 30.34
CA VAL C 329 -30.39 -13.92 31.78
C VAL C 329 -31.35 -12.78 32.05
N MET D 1 10.13 -29.39 -34.09
CA MET D 1 10.31 -28.00 -34.53
C MET D 1 10.88 -27.11 -33.42
N LYS D 2 11.33 -25.92 -33.83
CA LYS D 2 11.83 -24.91 -32.91
C LYS D 2 10.87 -23.69 -32.90
N LEU D 3 10.51 -23.28 -31.67
CA LEU D 3 9.48 -22.30 -31.42
C LEU D 3 10.04 -21.13 -30.62
N ALA D 4 9.96 -19.91 -31.18
CA ALA D 4 10.40 -18.72 -30.48
C ALA D 4 9.19 -18.08 -29.86
N VAL D 5 9.25 -17.88 -28.54
CA VAL D 5 8.13 -17.39 -27.76
C VAL D 5 8.47 -15.95 -27.37
N TYR D 6 7.66 -15.02 -27.85
CA TYR D 6 7.83 -13.59 -27.53
C TYR D 6 6.95 -13.15 -26.36
N SER D 7 7.35 -12.05 -25.72
CA SER D 7 6.58 -11.43 -24.60
C SER D 7 6.37 -12.40 -23.47
N THR D 8 7.40 -13.25 -23.22
CA THR D 8 7.29 -14.37 -22.28
C THR D 8 7.30 -13.90 -20.84
N LYS D 9 6.27 -14.28 -20.12
CA LYS D 9 6.19 -14.06 -18.67
C LYS D 9 6.48 -15.38 -18.05
N GLN D 10 6.80 -15.36 -16.78
CA GLN D 10 7.18 -16.59 -16.06
C GLN D 10 6.09 -17.61 -16.07
N TYR D 11 4.85 -17.18 -15.98
CA TYR D 11 3.75 -18.12 -16.09
C TYR D 11 3.60 -18.72 -17.53
N ASP D 12 3.84 -17.91 -18.58
CA ASP D 12 3.85 -18.44 -19.95
C ASP D 12 4.87 -19.55 -20.05
N LYS D 13 6.09 -19.25 -19.64
CA LYS D 13 7.16 -20.19 -19.69
C LYS D 13 6.80 -21.48 -18.93
N LYS D 14 6.22 -21.35 -17.74
CA LYS D 14 5.95 -22.53 -16.92
C LYS D 14 5.00 -23.50 -17.59
N TYR D 15 3.87 -23.01 -18.12
CA TYR D 15 2.88 -23.89 -18.72
C TYR D 15 3.24 -24.37 -20.11
N LEU D 16 3.95 -23.55 -20.89
CA LEU D 16 4.46 -24.05 -22.16
C LEU D 16 5.47 -25.19 -21.93
N GLN D 17 6.37 -25.00 -20.98
CA GLN D 17 7.34 -26.05 -20.65
C GLN D 17 6.64 -27.34 -20.18
N GLN D 18 5.68 -27.19 -19.28
CA GLN D 18 4.95 -28.37 -18.77
C GLN D 18 4.30 -29.09 -19.90
N VAL D 19 3.56 -28.35 -20.72
CA VAL D 19 2.79 -29.00 -21.78
C VAL D 19 3.69 -29.58 -22.85
N ASN D 20 4.84 -28.95 -23.04
CA ASN D 20 5.76 -29.39 -24.07
C ASN D 20 6.38 -30.76 -23.79
N GLU D 21 6.23 -31.24 -22.55
CA GLU D 21 6.52 -32.64 -22.23
C GLU D 21 5.78 -33.63 -23.14
N SER D 22 4.59 -33.31 -23.62
CA SER D 22 3.92 -34.15 -24.60
C SER D 22 4.30 -33.92 -26.03
N PHE D 23 5.13 -32.91 -26.34
CA PHE D 23 5.44 -32.59 -27.73
C PHE D 23 6.91 -32.59 -28.09
N GLY D 24 7.78 -32.20 -27.17
CA GLY D 24 9.21 -32.21 -27.47
C GLY D 24 9.72 -31.15 -28.45
N PHE D 25 9.02 -30.03 -28.60
CA PHE D 25 9.55 -28.89 -29.40
C PHE D 25 10.74 -28.29 -28.72
N GLU D 26 11.61 -27.66 -29.47
CA GLU D 26 12.68 -26.89 -28.87
C GLU D 26 12.11 -25.48 -28.67
N LEU D 27 12.17 -25.02 -27.43
CA LEU D 27 11.52 -23.79 -27.07
C LEU D 27 12.55 -22.74 -26.80
N GLU D 28 12.38 -21.57 -27.39
CA GLU D 28 13.27 -20.48 -27.13
C GLU D 28 12.44 -19.30 -26.63
N PHE D 29 12.70 -18.89 -25.41
CA PHE D 29 11.87 -17.94 -24.70
C PHE D 29 12.55 -16.58 -24.69
N PHE D 30 11.89 -15.59 -25.30
CA PHE D 30 12.30 -14.21 -25.21
C PHE D 30 11.27 -13.43 -24.35
N ASP D 31 11.78 -12.62 -23.45
CA ASP D 31 10.90 -11.79 -22.66
C ASP D 31 10.42 -10.49 -23.35
N PHE D 32 11.00 -10.15 -24.50
CA PHE D 32 10.69 -8.90 -25.18
C PHE D 32 9.59 -9.01 -26.21
N LEU D 33 9.05 -7.87 -26.63
CA LEU D 33 8.00 -7.81 -27.68
C LEU D 33 8.55 -8.22 -29.06
N LEU D 34 7.74 -8.93 -29.86
CA LEU D 34 8.02 -9.09 -31.26
C LEU D 34 7.74 -7.71 -31.94
N THR D 35 8.73 -7.18 -32.60
CA THR D 35 8.58 -5.95 -33.39
C THR D 35 9.34 -6.20 -34.67
N GLU D 36 9.25 -5.23 -35.58
CA GLU D 36 9.98 -5.31 -36.82
C GLU D 36 11.49 -5.48 -36.58
N LYS D 37 12.02 -4.89 -35.53
CA LYS D 37 13.43 -4.96 -35.22
C LYS D 37 13.84 -6.26 -34.53
N THR D 38 12.96 -6.89 -33.76
CA THR D 38 13.33 -8.07 -33.00
C THR D 38 12.97 -9.38 -33.78
N ALA D 39 12.25 -9.23 -34.85
CA ALA D 39 11.81 -10.39 -35.63
C ALA D 39 13.01 -11.24 -36.04
N LYS D 40 14.13 -10.60 -36.35
CA LYS D 40 15.33 -11.31 -36.72
C LYS D 40 15.82 -12.31 -35.66
N THR D 41 15.38 -12.13 -34.41
CA THR D 41 15.77 -13.05 -33.36
C THR D 41 15.16 -14.43 -33.59
N ALA D 42 14.14 -14.55 -34.42
CA ALA D 42 13.47 -15.82 -34.62
C ALA D 42 14.23 -16.66 -35.64
N ASN D 43 15.32 -16.15 -36.19
CA ASN D 43 16.05 -16.90 -37.22
C ASN D 43 16.46 -18.30 -36.75
N GLY D 44 16.04 -19.35 -37.47
CA GLY D 44 16.28 -20.74 -37.07
C GLY D 44 15.08 -21.39 -36.45
N CYS D 45 14.01 -20.62 -36.24
CA CYS D 45 12.76 -21.17 -35.75
C CYS D 45 11.74 -21.25 -36.86
N GLU D 46 11.02 -22.34 -36.95
CA GLU D 46 9.97 -22.44 -37.91
C GLU D 46 8.68 -21.74 -37.42
N ALA D 47 8.58 -21.49 -36.11
CA ALA D 47 7.36 -20.96 -35.54
C ALA D 47 7.67 -19.88 -34.50
N VAL D 48 6.78 -18.93 -34.37
CA VAL D 48 6.78 -18.01 -33.26
C VAL D 48 5.48 -18.11 -32.51
N CYS D 49 5.53 -17.76 -31.23
CA CYS D 49 4.33 -17.73 -30.42
C CYS D 49 4.24 -16.36 -29.79
N ILE D 50 3.12 -15.69 -30.06
CA ILE D 50 2.94 -14.30 -29.68
C ILE D 50 1.65 -14.09 -28.89
N PHE D 51 1.52 -12.93 -28.28
CA PHE D 51 0.39 -12.58 -27.41
C PHE D 51 -0.06 -11.18 -27.81
N VAL D 52 -0.83 -10.48 -27.02
CA VAL D 52 -1.68 -9.36 -27.59
C VAL D 52 -0.90 -8.09 -27.95
N ASN D 53 0.27 -7.86 -27.34
CA ASN D 53 1.03 -6.66 -27.63
C ASN D 53 2.07 -6.85 -28.64
N ASP D 54 2.29 -8.09 -29.10
CA ASP D 54 3.30 -8.33 -30.06
C ASP D 54 2.82 -7.79 -31.39
N ASP D 55 3.76 -7.35 -32.18
CA ASP D 55 3.39 -6.71 -33.41
C ASP D 55 3.39 -7.67 -34.56
N GLY D 56 2.20 -7.98 -35.04
CA GLY D 56 2.10 -8.80 -36.26
C GLY D 56 1.66 -8.07 -37.52
N SER D 57 1.98 -6.79 -37.62
CA SER D 57 1.73 -6.03 -38.83
C SER D 57 2.63 -6.52 -39.97
N ARG D 58 2.29 -6.14 -41.20
CA ARG D 58 3.00 -6.57 -42.41
C ARG D 58 4.51 -6.49 -42.33
N PRO D 59 5.06 -5.35 -41.96
CA PRO D 59 6.54 -5.27 -41.96
C PRO D 59 7.23 -6.30 -41.00
N VAL D 60 6.54 -6.65 -39.93
CA VAL D 60 7.06 -7.68 -39.03
C VAL D 60 6.94 -9.06 -39.68
N LEU D 61 5.81 -9.33 -40.30
CA LEU D 61 5.57 -10.58 -40.98
C LEU D 61 6.50 -10.79 -42.15
N GLU D 62 6.85 -9.70 -42.82
CA GLU D 62 7.84 -9.76 -43.88
C GLU D 62 9.20 -10.18 -43.32
N GLU D 63 9.62 -9.55 -42.23
CA GLU D 63 10.85 -9.93 -41.58
C GLU D 63 10.84 -11.43 -41.11
N LEU D 64 9.76 -11.86 -40.51
CA LEU D 64 9.66 -13.27 -40.06
C LEU D 64 9.84 -14.24 -41.24
N LYS D 65 9.16 -13.96 -42.32
CA LYS D 65 9.32 -14.81 -43.52
C LYS D 65 10.71 -14.83 -44.06
N LYS D 66 11.36 -13.67 -44.14
CA LYS D 66 12.75 -13.67 -44.53
C LYS D 66 13.62 -14.46 -43.63
N HIS D 67 13.30 -14.57 -42.35
CA HIS D 67 14.14 -15.36 -41.46
C HIS D 67 13.68 -16.81 -41.31
N GLY D 68 12.81 -17.27 -42.20
CA GLY D 68 12.47 -18.67 -42.30
C GLY D 68 11.28 -19.08 -41.52
N VAL D 69 10.60 -18.14 -40.84
CA VAL D 69 9.44 -18.52 -40.06
C VAL D 69 8.25 -18.87 -40.96
N LYS D 70 7.51 -19.92 -40.61
CA LYS D 70 6.38 -20.40 -41.38
C LYS D 70 5.06 -20.28 -40.71
N TYR D 71 5.10 -20.33 -39.36
CA TYR D 71 3.90 -20.43 -38.54
C TYR D 71 3.90 -19.37 -37.41
N ILE D 72 2.74 -18.80 -37.15
CA ILE D 72 2.54 -17.84 -36.08
C ILE D 72 1.41 -18.36 -35.19
N ALA D 73 1.69 -18.48 -33.91
CA ALA D 73 0.72 -19.00 -33.02
C ALA D 73 0.42 -17.97 -31.97
N LEU D 74 -0.83 -17.53 -31.95
CA LEU D 74 -1.28 -16.62 -30.95
C LEU D 74 -1.72 -17.42 -29.72
N ARG D 75 -1.13 -17.14 -28.56
CA ARG D 75 -1.49 -17.85 -27.31
C ARG D 75 -2.64 -17.07 -26.68
N CYS D 76 -3.67 -16.82 -27.48
CA CYS D 76 -4.77 -15.95 -27.08
C CYS D 76 -5.87 -16.03 -28.13
N ALA D 77 -7.03 -15.42 -27.86
CA ALA D 77 -8.17 -15.46 -28.75
C ALA D 77 -8.18 -14.32 -29.72
N GLY D 78 -7.78 -13.15 -29.27
CA GLY D 78 -7.74 -11.96 -30.14
C GLY D 78 -6.64 -12.05 -31.16
N PHE D 79 -6.84 -11.39 -32.30
CA PHE D 79 -5.91 -11.44 -33.41
C PHE D 79 -5.82 -10.14 -34.13
N ASN D 80 -6.29 -9.09 -33.47
CA ASN D 80 -6.25 -7.72 -33.99
C ASN D 80 -4.88 -7.18 -34.25
N ASN D 81 -3.88 -7.71 -33.54
CA ASN D 81 -2.49 -7.33 -33.75
C ASN D 81 -1.78 -8.01 -34.93
N VAL D 82 -2.46 -8.90 -35.63
CA VAL D 82 -1.88 -9.59 -36.77
C VAL D 82 -2.62 -9.24 -38.06
N ASP D 83 -1.87 -8.85 -39.06
CA ASP D 83 -2.41 -8.56 -40.39
C ASP D 83 -2.59 -9.87 -41.17
N LEU D 84 -3.79 -10.43 -41.05
CA LEU D 84 -4.10 -11.73 -41.61
C LEU D 84 -4.02 -11.76 -43.14
N ASP D 85 -4.34 -10.64 -43.81
CA ASP D 85 -4.27 -10.56 -45.29
C ASP D 85 -2.84 -10.62 -45.67
N ALA D 86 -2.00 -9.83 -44.99
CA ALA D 86 -0.59 -9.84 -45.29
C ALA D 86 -0.03 -11.24 -45.00
N ALA D 87 -0.45 -11.83 -43.89
CA ALA D 87 0.05 -13.18 -43.58
C ALA D 87 -0.30 -14.14 -44.73
N LYS D 88 -1.53 -14.04 -45.19
CA LYS D 88 -2.00 -14.97 -46.24
C LYS D 88 -1.23 -14.77 -47.50
N GLU D 89 -1.07 -13.51 -47.90
CA GLU D 89 -0.31 -13.18 -49.09
C GLU D 89 1.14 -13.68 -48.99
N LEU D 90 1.72 -13.66 -47.79
CA LEU D 90 3.12 -14.10 -47.60
C LEU D 90 3.24 -15.60 -47.41
N GLY D 91 2.12 -16.31 -47.28
CA GLY D 91 2.20 -17.76 -47.10
C GLY D 91 2.43 -18.23 -45.67
N LEU D 92 2.28 -17.34 -44.71
CA LEU D 92 2.44 -17.68 -43.29
C LEU D 92 1.12 -18.21 -42.73
N LYS D 93 1.19 -19.25 -41.90
CA LYS D 93 0.01 -19.79 -41.22
C LYS D 93 -0.15 -19.06 -39.91
N VAL D 94 -1.39 -18.77 -39.52
CA VAL D 94 -1.69 -18.14 -38.25
C VAL D 94 -2.69 -19.00 -37.54
N VAL D 95 -2.36 -19.38 -36.32
CA VAL D 95 -3.25 -20.12 -35.47
C VAL D 95 -3.46 -19.38 -34.16
N ARG D 96 -4.56 -19.73 -33.48
CA ARG D 96 -4.93 -19.10 -32.25
C ARG D 96 -5.63 -20.04 -31.28
N VAL D 97 -5.94 -19.52 -30.11
CA VAL D 97 -6.70 -20.24 -29.09
C VAL D 97 -8.12 -19.70 -29.20
N PRO D 98 -9.08 -20.53 -29.57
CA PRO D 98 -10.42 -20.02 -29.89
C PRO D 98 -11.17 -19.35 -28.71
N ALA D 99 -11.05 -19.85 -27.49
CA ALA D 99 -11.66 -19.21 -26.33
C ALA D 99 -10.99 -19.63 -25.03
N TYR D 100 -11.08 -18.78 -24.02
CA TYR D 100 -10.52 -19.10 -22.70
C TYR D 100 -11.53 -19.97 -21.89
N ASP D 101 -11.04 -20.82 -21.00
CA ASP D 101 -11.76 -21.50 -19.95
C ASP D 101 -12.83 -20.55 -19.40
N PRO D 102 -14.12 -20.79 -19.71
CA PRO D 102 -15.12 -19.75 -19.41
C PRO D 102 -15.35 -19.64 -17.91
N GLU D 103 -15.13 -20.74 -17.17
CA GLU D 103 -15.24 -20.73 -15.73
C GLU D 103 -14.11 -19.84 -15.08
N ALA D 104 -12.86 -19.89 -15.59
CA ALA D 104 -11.80 -19.03 -15.07
C ALA D 104 -12.18 -17.59 -15.13
N VAL D 105 -12.77 -17.20 -16.25
CA VAL D 105 -13.06 -15.82 -16.48
C VAL D 105 -14.20 -15.37 -15.60
N ALA D 106 -15.26 -16.15 -15.58
CA ALA D 106 -16.40 -15.83 -14.73
C ALA D 106 -16.03 -15.79 -13.27
N GLU D 107 -15.20 -16.73 -12.83
CA GLU D 107 -14.70 -16.72 -11.49
C GLU D 107 -13.89 -15.44 -11.14
N HIS D 108 -13.13 -14.93 -12.09
CA HIS D 108 -12.42 -13.66 -11.87
C HIS D 108 -13.39 -12.53 -11.72
N ALA D 109 -14.44 -12.50 -12.54
CA ALA D 109 -15.45 -11.48 -12.42
C ALA D 109 -16.15 -11.52 -11.08
N ILE D 110 -16.53 -12.70 -10.59
CA ILE D 110 -17.12 -12.77 -9.24
C ILE D 110 -16.12 -12.40 -8.13
N GLY D 111 -14.85 -12.76 -8.33
CA GLY D 111 -13.80 -12.31 -7.42
C GLY D 111 -13.73 -10.79 -7.33
N MET D 112 -13.71 -10.14 -8.49
CA MET D 112 -13.66 -8.67 -8.56
C MET D 112 -14.87 -8.08 -7.86
N MET D 113 -16.02 -8.66 -8.12
CA MET D 113 -17.26 -8.18 -7.53
C MET D 113 -17.24 -8.28 -6.00
N MET D 114 -16.86 -9.44 -5.45
CA MET D 114 -16.83 -9.60 -3.99
C MET D 114 -15.71 -8.79 -3.34
N THR D 115 -14.56 -8.64 -4.00
CA THR D 115 -13.50 -7.80 -3.51
C THR D 115 -13.97 -6.33 -3.38
N LEU D 116 -14.61 -5.84 -4.44
CA LEU D 116 -15.24 -4.53 -4.40
C LEU D 116 -16.34 -4.43 -3.37
N ASN D 117 -17.24 -5.42 -3.33
CA ASN D 117 -18.37 -5.38 -2.41
C ASN D 117 -17.87 -5.18 -0.97
N ARG D 118 -17.04 -6.10 -0.51
CA ARG D 118 -16.61 -6.15 0.86
C ARG D 118 -15.36 -5.32 1.12
N ARG D 119 -14.93 -4.55 0.14
CA ARG D 119 -13.65 -3.82 0.17
C ARG D 119 -12.45 -4.59 0.72
N ILE D 120 -12.30 -5.84 0.31
CA ILE D 120 -11.29 -6.70 0.80
C ILE D 120 -9.88 -6.23 0.38
N HIS D 121 -9.81 -5.60 -0.78
CA HIS D 121 -8.56 -4.98 -1.24
C HIS D 121 -8.10 -3.87 -0.32
N ARG D 122 -9.03 -3.11 0.18
CA ARG D 122 -8.76 -2.10 1.17
C ARG D 122 -8.49 -2.67 2.55
N ALA D 123 -9.20 -3.70 2.92
CA ALA D 123 -8.92 -4.41 4.17
C ALA D 123 -7.50 -4.90 4.21
N TYR D 124 -7.04 -5.55 3.17
CA TYR D 124 -5.71 -6.13 3.18
C TYR D 124 -4.64 -5.01 3.35
N GLN D 125 -4.82 -3.90 2.66
CA GLN D 125 -3.89 -2.78 2.79
C GLN D 125 -3.78 -2.28 4.20
N ARG D 126 -4.86 -2.37 4.99
CA ARG D 126 -4.80 -2.13 6.41
C ARG D 126 -4.16 -3.27 7.24
N THR D 127 -4.71 -4.45 7.11
CA THR D 127 -4.30 -5.53 7.95
C THR D 127 -2.88 -6.00 7.71
N ARG D 128 -2.31 -5.77 6.53
CA ARG D 128 -0.88 -6.18 6.35
C ARG D 128 0.01 -5.38 7.23
N ASP D 129 -0.51 -4.24 7.71
CA ASP D 129 0.17 -3.42 8.66
C ASP D 129 -0.59 -3.39 10.00
N ALA D 130 -1.28 -4.49 10.31
CA ALA D 130 -1.96 -4.71 11.58
C ALA D 130 -2.97 -3.57 11.97
N ASN D 131 -3.55 -2.89 11.00
CA ASN D 131 -4.68 -2.01 11.27
C ASN D 131 -6.02 -2.79 10.98
N PHE D 132 -6.80 -3.04 12.03
CA PHE D 132 -8.02 -3.84 11.96
C PHE D 132 -9.30 -2.97 12.01
N SER D 133 -9.17 -1.68 11.75
CA SER D 133 -10.37 -0.84 11.65
C SER D 133 -11.20 -1.24 10.45
N LEU D 134 -12.53 -1.24 10.64
CA LEU D 134 -13.51 -1.64 9.66
C LEU D 134 -14.24 -0.43 9.09
N GLU D 135 -13.89 0.75 9.58
CA GLU D 135 -14.54 1.93 9.08
C GLU D 135 -14.35 2.06 7.57
N GLY D 136 -15.41 2.39 6.85
CA GLY D 136 -15.36 2.52 5.40
C GLY D 136 -15.44 1.21 4.61
N LEU D 137 -15.46 0.05 5.29
CA LEU D 137 -15.40 -1.25 4.60
C LEU D 137 -16.77 -1.94 4.45
N THR D 138 -17.84 -1.24 4.81
CA THR D 138 -19.13 -1.87 4.82
C THR D 138 -19.55 -2.26 3.39
N GLY D 139 -20.06 -3.47 3.22
CA GLY D 139 -20.58 -3.87 1.90
C GLY D 139 -22.05 -4.07 1.86
N PHE D 140 -22.50 -4.96 0.97
CA PHE D 140 -23.87 -5.38 0.88
C PHE D 140 -24.04 -6.89 0.73
N THR D 141 -25.13 -7.38 1.30
CA THR D 141 -25.49 -8.81 1.17
C THR D 141 -25.97 -9.04 -0.28
N MET D 142 -25.38 -10.01 -0.94
CA MET D 142 -25.70 -10.28 -2.35
C MET D 142 -27.04 -11.05 -2.49
N TYR D 143 -27.27 -11.95 -1.56
CA TYR D 143 -28.45 -12.77 -1.52
C TYR D 143 -29.72 -11.92 -1.68
N GLY D 144 -30.53 -12.28 -2.69
CA GLY D 144 -31.76 -11.57 -2.91
C GLY D 144 -31.63 -10.30 -3.71
N LYS D 145 -30.44 -9.89 -4.10
CA LYS D 145 -30.29 -8.78 -5.01
C LYS D 145 -30.47 -9.28 -6.43
N THR D 146 -30.42 -8.38 -7.39
CA THR D 146 -30.59 -8.71 -8.77
C THR D 146 -29.29 -8.49 -9.50
N ALA D 147 -28.91 -9.49 -10.26
CA ALA D 147 -27.74 -9.40 -11.10
C ALA D 147 -28.16 -9.33 -12.54
N GLY D 148 -27.51 -8.46 -13.32
CA GLY D 148 -27.69 -8.41 -14.78
C GLY D 148 -26.44 -8.74 -15.54
N VAL D 149 -26.54 -9.77 -16.37
CA VAL D 149 -25.45 -10.25 -17.15
C VAL D 149 -25.71 -9.88 -18.62
N ILE D 150 -24.78 -9.17 -19.21
CA ILE D 150 -24.90 -8.71 -20.59
C ILE D 150 -24.02 -9.60 -21.42
N GLY D 151 -24.67 -10.49 -22.18
CA GLY D 151 -24.00 -11.45 -23.01
C GLY D 151 -24.11 -12.80 -22.34
N THR D 152 -24.71 -13.77 -23.05
CA THR D 152 -24.88 -15.10 -22.51
C THR D 152 -24.20 -16.21 -23.35
N GLY D 153 -22.99 -15.94 -23.85
CA GLY D 153 -22.07 -16.97 -24.33
C GLY D 153 -21.68 -17.92 -23.20
N LYS D 154 -20.71 -18.79 -23.42
CA LYS D 154 -20.32 -19.71 -22.33
C LYS D 154 -19.87 -18.94 -21.07
N ILE D 155 -19.18 -17.81 -21.24
CA ILE D 155 -18.67 -17.11 -20.07
C ILE D 155 -19.82 -16.54 -19.26
N GLY D 156 -20.69 -15.79 -19.91
CA GLY D 156 -21.83 -15.26 -19.26
C GLY D 156 -22.70 -16.30 -18.53
N VAL D 157 -22.87 -17.48 -19.10
CA VAL D 157 -23.60 -18.54 -18.47
C VAL D 157 -22.87 -19.05 -17.30
N ALA D 158 -21.56 -19.23 -17.42
CA ALA D 158 -20.77 -19.60 -16.26
C ALA D 158 -20.96 -18.59 -15.12
N MET D 159 -21.06 -17.32 -15.48
CA MET D 159 -21.24 -16.27 -14.49
C MET D 159 -22.60 -16.43 -13.82
N LEU D 160 -23.61 -16.71 -14.65
CA LEU D 160 -24.97 -16.87 -14.10
C LEU D 160 -25.06 -18.07 -13.15
N ARG D 161 -24.32 -19.12 -13.42
CA ARG D 161 -24.37 -20.25 -12.53
C ARG D 161 -23.86 -19.87 -11.14
N ILE D 162 -22.78 -19.11 -11.09
CA ILE D 162 -22.23 -18.64 -9.83
C ILE D 162 -23.18 -17.66 -9.11
N LEU D 163 -23.74 -16.71 -9.88
CA LEU D 163 -24.66 -15.74 -9.31
C LEU D 163 -25.90 -16.46 -8.77
N LYS D 164 -26.29 -17.53 -9.44
CA LYS D 164 -27.46 -18.32 -8.94
C LYS D 164 -27.18 -18.83 -7.57
N GLY D 165 -25.99 -19.37 -7.38
CA GLY D 165 -25.55 -19.91 -6.12
C GLY D 165 -25.58 -18.89 -4.98
N PHE D 166 -25.40 -17.62 -5.30
CA PHE D 166 -25.52 -16.54 -4.29
C PHE D 166 -26.98 -16.22 -3.95
N GLY D 167 -27.93 -16.80 -4.65
CA GLY D 167 -29.34 -16.56 -4.32
C GLY D 167 -29.81 -15.22 -4.90
N MET D 168 -29.26 -14.81 -6.05
CA MET D 168 -29.59 -13.57 -6.73
C MET D 168 -30.64 -13.78 -7.81
N ARG D 169 -31.41 -12.74 -8.07
CA ARG D 169 -32.32 -12.82 -9.19
C ARG D 169 -31.55 -12.53 -10.43
N LEU D 170 -31.77 -13.33 -11.46
CA LEU D 170 -30.94 -13.35 -12.63
C LEU D 170 -31.61 -12.76 -13.86
N LEU D 171 -31.07 -11.62 -14.32
CA LEU D 171 -31.51 -10.98 -15.56
C LEU D 171 -30.37 -11.03 -16.54
N ALA D 172 -30.69 -11.18 -17.82
CA ALA D 172 -29.71 -11.12 -18.84
C ALA D 172 -30.24 -10.38 -20.08
N PHE D 173 -29.28 -9.87 -20.85
CA PHE D 173 -29.53 -9.37 -22.19
C PHE D 173 -28.60 -10.04 -23.15
N ASP D 174 -29.18 -10.53 -24.25
CA ASP D 174 -28.40 -11.03 -25.36
C ASP D 174 -29.36 -11.05 -26.57
N PRO D 175 -28.88 -10.65 -27.75
CA PRO D 175 -29.73 -10.77 -28.94
C PRO D 175 -30.30 -12.18 -29.13
N TYR D 176 -29.53 -13.19 -28.79
CA TYR D 176 -29.85 -14.53 -29.09
C TYR D 176 -29.84 -15.40 -27.85
N PRO D 177 -30.96 -15.47 -27.19
CA PRO D 177 -30.98 -16.15 -25.90
C PRO D 177 -30.47 -17.59 -25.93
N SER D 178 -29.87 -18.02 -24.85
CA SER D 178 -29.21 -19.31 -24.76
C SER D 178 -30.05 -20.29 -23.92
N ALA D 179 -30.15 -21.52 -24.38
CA ALA D 179 -30.94 -22.57 -23.68
C ALA D 179 -30.34 -22.84 -22.30
N ALA D 180 -29.03 -22.88 -22.23
CA ALA D 180 -28.33 -23.15 -20.98
C ALA D 180 -28.67 -22.09 -19.90
N ALA D 181 -28.79 -20.83 -20.31
CA ALA D 181 -29.18 -19.80 -19.36
C ALA D 181 -30.62 -20.02 -18.87
N LEU D 182 -31.50 -20.43 -19.78
CA LEU D 182 -32.89 -20.57 -19.42
C LEU D 182 -33.06 -21.64 -18.36
N GLU D 183 -32.31 -22.72 -18.46
CA GLU D 183 -32.30 -23.73 -17.41
C GLU D 183 -31.93 -23.24 -16.03
N LEU D 184 -31.17 -22.15 -15.94
CA LEU D 184 -30.82 -21.55 -14.65
C LEU D 184 -31.90 -20.63 -14.13
N GLY D 185 -32.96 -20.44 -14.90
CA GLY D 185 -34.05 -19.55 -14.47
C GLY D 185 -33.80 -18.10 -14.84
N VAL D 186 -32.91 -17.84 -15.79
CA VAL D 186 -32.57 -16.48 -16.14
C VAL D 186 -33.74 -15.87 -16.91
N GLU D 187 -34.01 -14.61 -16.63
CA GLU D 187 -35.01 -13.90 -17.37
C GLU D 187 -34.32 -12.96 -18.32
N TYR D 188 -34.52 -13.19 -19.62
CA TYR D 188 -34.00 -12.26 -20.61
C TYR D 188 -34.86 -11.01 -20.60
N VAL D 189 -34.22 -9.85 -20.68
CA VAL D 189 -34.95 -8.58 -20.65
C VAL D 189 -34.21 -7.66 -21.60
N ASP D 190 -34.76 -6.48 -21.82
CA ASP D 190 -34.09 -5.51 -22.68
C ASP D 190 -33.14 -4.69 -21.83
N LEU D 191 -32.20 -4.03 -22.50
CA LEU D 191 -31.17 -3.30 -21.78
C LEU D 191 -31.70 -2.28 -20.77
N PRO D 192 -32.74 -1.51 -21.14
CA PRO D 192 -33.30 -0.57 -20.18
C PRO D 192 -33.81 -1.22 -18.88
N THR D 193 -34.41 -2.40 -18.97
CA THR D 193 -34.90 -3.12 -17.79
C THR D 193 -33.70 -3.65 -17.02
N LEU D 194 -32.69 -4.15 -17.73
CA LEU D 194 -31.51 -4.65 -17.05
C LEU D 194 -30.86 -3.52 -16.23
N PHE D 195 -30.63 -2.38 -16.86
CA PHE D 195 -30.04 -1.22 -16.21
C PHE D 195 -30.80 -0.79 -14.97
N SER D 196 -32.12 -0.74 -15.07
CA SER D 196 -32.90 -0.13 -14.05
C SER D 196 -33.10 -1.07 -12.89
N GLU D 197 -33.12 -2.37 -13.17
CA GLU D 197 -33.41 -3.39 -12.13
C GLU D 197 -32.16 -3.98 -11.44
N SER D 198 -30.98 -3.78 -11.99
CA SER D 198 -29.84 -4.56 -11.57
C SER D 198 -29.05 -3.91 -10.45
N ASP D 199 -28.72 -4.70 -9.43
CA ASP D 199 -27.84 -4.22 -8.32
C ASP D 199 -26.39 -4.36 -8.71
N VAL D 200 -26.13 -5.35 -9.55
CA VAL D 200 -24.82 -5.64 -10.02
C VAL D 200 -24.96 -5.98 -11.50
N ILE D 201 -24.00 -5.54 -12.32
CA ILE D 201 -23.98 -5.77 -13.74
C ILE D 201 -22.63 -6.28 -14.13
N SER D 202 -22.60 -7.31 -14.97
CA SER D 202 -21.37 -7.87 -15.43
C SER D 202 -21.44 -8.07 -16.93
N LEU D 203 -20.39 -7.64 -17.64
CA LEU D 203 -20.34 -7.75 -19.09
C LEU D 203 -19.58 -8.96 -19.55
N HIS D 204 -20.23 -9.79 -20.39
CA HIS D 204 -19.66 -10.99 -20.95
C HIS D 204 -19.98 -11.13 -22.45
N CYS D 205 -19.60 -10.14 -23.24
CA CYS D 205 -19.98 -10.08 -24.67
C CYS D 205 -18.83 -9.59 -25.53
N PRO D 206 -18.81 -10.02 -26.82
CA PRO D 206 -17.77 -9.50 -27.71
C PRO D 206 -18.04 -8.05 -28.01
N LEU D 207 -16.97 -7.30 -28.28
CA LEU D 207 -17.07 -5.95 -28.77
C LEU D 207 -17.46 -5.97 -30.24
N THR D 208 -18.56 -5.31 -30.54
CA THR D 208 -19.04 -5.16 -31.91
C THR D 208 -19.27 -3.66 -32.14
N PRO D 209 -19.37 -3.26 -33.40
CA PRO D 209 -19.82 -1.90 -33.70
C PRO D 209 -21.08 -1.50 -32.93
N GLU D 210 -22.04 -2.38 -32.78
CA GLU D 210 -23.30 -1.95 -32.19
C GLU D 210 -23.24 -1.73 -30.68
N ASN D 211 -22.38 -2.46 -30.00
CA ASN D 211 -22.29 -2.33 -28.53
C ASN D 211 -21.04 -1.54 -28.07
N TYR D 212 -20.29 -0.98 -29.04
CA TYR D 212 -19.23 -0.05 -28.73
C TYR D 212 -19.81 1.09 -27.90
N HIS D 213 -19.11 1.45 -26.81
CA HIS D 213 -19.64 2.37 -25.79
C HIS D 213 -21.05 2.05 -25.33
N LEU D 214 -21.39 0.76 -25.25
CA LEU D 214 -22.72 0.37 -24.74
C LEU D 214 -23.08 1.00 -23.40
N LEU D 215 -22.10 1.11 -22.52
CA LEU D 215 -22.33 1.75 -21.26
C LEU D 215 -21.82 3.19 -21.36
N ASN D 216 -22.76 4.09 -21.58
CA ASN D 216 -22.49 5.50 -21.75
C ASN D 216 -23.39 6.26 -20.82
N GLU D 217 -23.37 7.59 -20.95
CA GLU D 217 -24.12 8.44 -20.05
C GLU D 217 -25.59 8.02 -19.93
N ALA D 218 -26.23 7.70 -21.05
CA ALA D 218 -27.67 7.34 -21.08
C ALA D 218 -27.95 6.05 -20.30
N ALA D 219 -27.04 5.09 -20.45
CA ALA D 219 -27.08 3.84 -19.72
C ALA D 219 -26.98 4.14 -18.22
N PHE D 220 -25.88 4.80 -17.82
CA PHE D 220 -25.65 5.10 -16.39
C PHE D 220 -26.82 5.87 -15.78
N ASP D 221 -27.35 6.81 -16.58
CA ASP D 221 -28.56 7.58 -16.26
C ASP D 221 -29.68 6.68 -15.72
N GLN D 222 -29.88 5.53 -16.36
CA GLN D 222 -30.99 4.61 -15.99
C GLN D 222 -30.71 3.61 -14.84
N MET D 223 -29.43 3.48 -14.45
CA MET D 223 -29.03 2.48 -13.44
C MET D 223 -29.39 2.92 -12.06
N LYS D 224 -29.42 2.00 -11.11
CA LYS D 224 -29.63 2.37 -9.73
C LYS D 224 -28.42 3.12 -9.21
N ASN D 225 -28.66 3.99 -8.27
CA ASN D 225 -27.57 4.64 -7.58
C ASN D 225 -26.82 3.63 -6.69
N GLY D 226 -25.49 3.61 -6.78
CA GLY D 226 -24.69 2.65 -6.02
C GLY D 226 -24.52 1.33 -6.77
N VAL D 227 -24.96 1.27 -8.04
CA VAL D 227 -24.80 0.07 -8.84
C VAL D 227 -23.32 -0.39 -8.88
N MET D 228 -23.15 -1.71 -8.87
CA MET D 228 -21.82 -2.28 -9.02
C MET D 228 -21.64 -2.84 -10.45
N ILE D 229 -20.53 -2.48 -11.12
CA ILE D 229 -20.28 -2.87 -12.50
C ILE D 229 -18.94 -3.53 -12.60
N VAL D 230 -18.92 -4.71 -13.22
CA VAL D 230 -17.71 -5.41 -13.48
C VAL D 230 -17.57 -5.69 -14.94
N ASN D 231 -16.44 -5.34 -15.48
CA ASN D 231 -16.16 -5.60 -16.90
C ASN D 231 -14.95 -6.44 -17.08
N THR D 232 -15.15 -7.73 -17.32
CA THR D 232 -14.07 -8.58 -17.77
C THR D 232 -14.09 -8.76 -19.29
N SER D 233 -15.00 -8.11 -19.99
CA SER D 233 -14.90 -8.09 -21.47
C SER D 233 -14.07 -6.86 -21.92
N ARG D 234 -14.09 -6.54 -23.21
CA ARG D 234 -13.31 -5.41 -23.74
C ARG D 234 -13.64 -4.06 -23.11
N GLY D 235 -12.62 -3.27 -22.86
CA GLY D 235 -12.77 -1.98 -22.17
C GLY D 235 -13.67 -1.02 -22.91
N ALA D 236 -13.68 -1.10 -24.25
CA ALA D 236 -14.51 -0.18 -25.09
C ALA D 236 -16.03 -0.38 -25.01
N LEU D 237 -16.48 -1.45 -24.34
CA LEU D 237 -17.91 -1.59 -24.04
C LEU D 237 -18.35 -0.48 -23.12
N ILE D 238 -17.38 0.15 -22.46
CA ILE D 238 -17.70 1.24 -21.54
C ILE D 238 -17.10 2.55 -22.04
N ASP D 239 -17.88 3.62 -21.96
CA ASP D 239 -17.42 4.98 -22.26
C ASP D 239 -16.77 5.50 -21.00
N SER D 240 -15.44 5.49 -20.99
CA SER D 240 -14.66 5.85 -19.81
C SER D 240 -15.10 7.15 -19.20
N GLN D 241 -15.20 8.15 -20.05
CA GLN D 241 -15.48 9.50 -19.61
C GLN D 241 -16.82 9.54 -18.87
N ALA D 242 -17.83 8.87 -19.45
CA ALA D 242 -19.14 8.82 -18.79
C ALA D 242 -19.05 8.08 -17.45
N ALA D 243 -18.20 7.03 -17.40
CA ALA D 243 -18.08 6.19 -16.18
C ALA D 243 -17.53 7.03 -15.02
N ILE D 244 -16.45 7.74 -15.30
CA ILE D 244 -15.80 8.61 -14.32
C ILE D 244 -16.80 9.64 -13.79
N GLU D 245 -17.54 10.25 -14.69
CA GLU D 245 -18.53 11.24 -14.31
C GLU D 245 -19.64 10.60 -13.45
N ALA D 246 -20.10 9.40 -13.83
CA ALA D 246 -21.09 8.66 -13.02
C ALA D 246 -20.51 8.16 -11.67
N LEU D 247 -19.20 7.94 -11.63
CA LEU D 247 -18.52 7.66 -10.35
C LEU D 247 -18.54 8.91 -9.43
N LYS D 248 -18.05 10.03 -9.95
CA LYS D 248 -18.04 11.30 -9.19
C LYS D 248 -19.44 11.66 -8.71
N ASN D 249 -20.37 11.61 -9.65
CA ASN D 249 -21.79 11.75 -9.42
C ASN D 249 -22.37 10.82 -8.32
N GLN D 250 -21.71 9.69 -8.08
CA GLN D 250 -22.21 8.61 -7.22
C GLN D 250 -23.39 7.80 -7.75
N LYS D 251 -23.51 7.74 -9.07
CA LYS D 251 -24.43 6.81 -9.69
C LYS D 251 -23.84 5.41 -9.54
N ILE D 252 -22.59 5.27 -9.99
CA ILE D 252 -21.88 4.00 -9.86
C ILE D 252 -21.33 3.92 -8.45
N GLY D 253 -21.68 2.86 -7.74
CA GLY D 253 -21.09 2.57 -6.43
C GLY D 253 -19.70 1.94 -6.49
N SER D 254 -19.48 1.05 -7.45
CA SER D 254 -18.18 0.37 -7.56
C SER D 254 -17.99 -0.07 -9.01
N LEU D 255 -16.76 -0.06 -9.47
CA LEU D 255 -16.43 -0.38 -10.84
C LEU D 255 -15.21 -1.22 -10.85
N GLY D 256 -15.31 -2.40 -11.45
CA GLY D 256 -14.12 -3.25 -11.64
C GLY D 256 -13.87 -3.48 -13.11
N MET D 257 -12.61 -3.38 -13.52
CA MET D 257 -12.26 -3.54 -14.92
C MET D 257 -11.01 -4.34 -15.07
N ASP D 258 -11.06 -5.37 -15.92
CA ASP D 258 -9.95 -6.19 -16.19
C ASP D 258 -9.42 -5.64 -17.51
N VAL D 259 -8.40 -4.82 -17.41
CA VAL D 259 -8.05 -3.90 -18.44
C VAL D 259 -7.12 -4.56 -19.38
N TYR D 260 -7.53 -4.50 -20.62
CA TYR D 260 -6.91 -5.35 -21.59
C TYR D 260 -5.49 -5.12 -21.84
N GLU D 261 -4.89 -6.20 -22.29
CA GLU D 261 -3.50 -6.39 -22.16
C GLU D 261 -2.66 -5.23 -22.58
N ASN D 262 -3.29 -4.37 -23.34
CA ASN D 262 -2.81 -3.00 -23.46
C ASN D 262 -3.88 -2.14 -24.15
N GLU D 263 -4.71 -1.54 -23.30
CA GLU D 263 -5.97 -0.92 -23.66
C GLU D 263 -6.00 0.32 -22.82
N ARG D 264 -4.89 1.01 -22.90
CA ARG D 264 -4.35 1.87 -21.89
C ARG D 264 -3.81 1.03 -20.70
N ASP D 265 -3.51 -0.25 -20.97
CA ASP D 265 -3.12 -1.35 -20.03
C ASP D 265 -4.34 -2.10 -19.56
N LEU D 284 -8.77 7.56 -9.27
CA LEU D 284 -9.05 6.32 -9.95
C LEU D 284 -9.33 5.33 -8.85
N SER D 285 -8.30 4.52 -8.59
CA SER D 285 -8.25 3.53 -7.50
C SER D 285 -8.22 4.12 -6.08
N ALA D 286 -7.63 5.31 -6.06
CA ALA D 286 -7.51 6.17 -4.90
C ALA D 286 -8.83 6.60 -4.35
N CYS D 287 -9.54 7.34 -5.19
CA CYS D 287 -10.75 8.16 -4.87
C CYS D 287 -12.02 7.33 -4.57
N HIS D 288 -12.31 6.37 -5.42
CA HIS D 288 -13.56 5.64 -5.31
C HIS D 288 -13.39 4.16 -5.09
N ASN D 289 -14.48 3.40 -5.10
CA ASN D 289 -14.44 1.93 -5.03
C ASN D 289 -14.25 1.43 -6.50
N VAL D 290 -13.03 1.64 -7.01
CA VAL D 290 -12.60 1.23 -8.34
C VAL D 290 -11.42 0.26 -8.29
N LEU D 291 -11.46 -0.78 -9.11
CA LEU D 291 -10.47 -1.80 -9.06
C LEU D 291 -10.11 -2.19 -10.47
N PHE D 292 -8.82 -2.10 -10.79
CA PHE D 292 -8.28 -2.58 -12.03
C PHE D 292 -7.51 -3.83 -11.77
N THR D 293 -7.66 -4.79 -12.68
CA THR D 293 -6.73 -5.90 -12.77
C THR D 293 -6.22 -5.92 -14.22
N GLY D 294 -5.00 -6.42 -14.40
CA GLY D 294 -4.33 -6.25 -15.71
C GLY D 294 -4.60 -7.37 -16.73
N HIS D 295 -5.85 -7.57 -17.12
CA HIS D 295 -6.23 -8.72 -18.01
C HIS D 295 -5.88 -10.05 -17.41
N GLN D 296 -6.43 -10.27 -16.25
CA GLN D 296 -6.06 -11.35 -15.43
C GLN D 296 -7.11 -12.43 -15.45
N ALA D 297 -8.20 -12.21 -16.16
CA ALA D 297 -9.34 -13.11 -16.04
C ALA D 297 -9.08 -14.57 -16.44
N PHE D 298 -8.12 -14.82 -17.36
CA PHE D 298 -7.76 -16.22 -17.69
C PHE D 298 -6.53 -16.75 -16.95
N LEU D 299 -6.03 -15.97 -16.01
CA LEU D 299 -4.79 -16.33 -15.33
C LEU D 299 -5.01 -17.34 -14.18
N THR D 300 -5.30 -18.58 -14.57
CA THR D 300 -5.24 -19.72 -13.65
C THR D 300 -4.45 -20.85 -14.27
N ALA D 301 -3.95 -21.74 -13.41
CA ALA D 301 -3.14 -22.86 -13.84
C ALA D 301 -3.84 -23.66 -14.92
N GLU D 302 -5.13 -23.91 -14.70
CA GLU D 302 -5.92 -24.75 -15.61
C GLU D 302 -6.09 -24.04 -16.92
N ALA D 303 -6.42 -22.76 -16.86
CA ALA D 303 -6.69 -22.02 -18.09
C ALA D 303 -5.42 -21.78 -18.89
N LEU D 304 -4.31 -21.57 -18.21
CA LEU D 304 -3.02 -21.41 -18.90
C LEU D 304 -2.56 -22.70 -19.51
N THR D 305 -2.76 -23.79 -18.79
CA THR D 305 -2.54 -25.15 -19.34
C THR D 305 -3.34 -25.37 -20.65
N SER D 306 -4.62 -24.99 -20.67
CA SER D 306 -5.43 -25.21 -21.89
C SER D 306 -4.86 -24.38 -23.02
N ILE D 307 -4.49 -23.14 -22.73
CA ILE D 307 -3.91 -22.26 -23.75
C ILE D 307 -2.67 -22.87 -24.33
N SER D 308 -1.76 -23.33 -23.48
CA SER D 308 -0.51 -23.99 -23.94
C SER D 308 -0.76 -25.25 -24.70
N GLN D 309 -1.69 -26.08 -24.22
CA GLN D 309 -2.09 -27.34 -24.93
C GLN D 309 -2.55 -27.08 -26.31
N THR D 310 -3.54 -26.20 -26.42
CA THR D 310 -4.05 -25.82 -27.70
C THR D 310 -2.95 -25.22 -28.63
N THR D 311 -2.12 -24.35 -28.06
CA THR D 311 -1.05 -23.72 -28.86
C THR D 311 -0.11 -24.74 -29.46
N LEU D 312 0.35 -25.68 -28.63
CA LEU D 312 1.35 -26.65 -29.10
C LEU D 312 0.73 -27.70 -30.00
N GLN D 313 -0.53 -28.03 -29.70
CA GLN D 313 -1.32 -28.89 -30.57
C GLN D 313 -1.56 -28.20 -31.90
N ASN D 314 -1.89 -26.89 -31.89
CA ASN D 314 -2.05 -26.16 -33.15
C ASN D 314 -0.79 -26.26 -34.04
N LEU D 315 0.35 -26.08 -33.41
CA LEU D 315 1.63 -26.16 -34.12
C LEU D 315 1.96 -27.58 -34.61
N SER D 316 1.64 -28.56 -33.78
CA SER D 316 1.85 -29.95 -34.16
C SER D 316 1.01 -30.30 -35.40
N ASN D 317 -0.26 -29.87 -35.41
CA ASN D 317 -1.10 -29.98 -36.60
C ASN D 317 -0.39 -29.43 -37.86
N LEU D 318 0.11 -28.20 -37.76
CA LEU D 318 0.70 -27.52 -38.90
C LEU D 318 1.92 -28.26 -39.42
N GLU D 319 2.71 -28.74 -38.52
CA GLU D 319 3.93 -29.43 -38.82
C GLU D 319 3.66 -30.69 -39.61
N LYS D 320 2.62 -31.40 -39.21
CA LYS D 320 2.26 -32.67 -39.84
C LYS D 320 1.25 -32.51 -40.97
N GLY D 321 0.95 -31.29 -41.37
CA GLY D 321 0.00 -31.05 -42.40
C GLY D 321 -1.44 -31.40 -42.05
N GLU D 322 -1.71 -31.69 -40.78
CA GLU D 322 -3.07 -32.00 -40.36
C GLU D 322 -3.97 -30.80 -40.47
N THR D 323 -5.25 -31.02 -40.39
CA THR D 323 -6.18 -29.90 -40.41
C THR D 323 -6.20 -29.25 -39.02
N CYS D 324 -6.14 -27.93 -38.98
CA CYS D 324 -6.11 -27.22 -37.70
C CYS D 324 -7.37 -26.37 -37.56
N PRO D 325 -8.30 -26.80 -36.72
CA PRO D 325 -9.55 -26.07 -36.52
C PRO D 325 -9.32 -24.64 -36.04
N ASN D 326 -8.16 -24.33 -35.49
CA ASN D 326 -7.93 -22.97 -34.99
C ASN D 326 -7.11 -22.08 -35.94
N GLU D 327 -7.01 -22.50 -37.19
CA GLU D 327 -6.27 -21.76 -38.18
C GLU D 327 -7.07 -20.53 -38.56
N LEU D 328 -6.45 -19.36 -38.54
CA LEU D 328 -7.08 -18.16 -39.04
C LEU D 328 -6.72 -17.98 -40.52
N VAL D 329 -5.52 -18.38 -40.89
CA VAL D 329 -5.03 -18.28 -42.28
C VAL D 329 -4.01 -19.35 -42.49
MG MG E . 11.84 18.51 -26.89
C1 PEG F . 10.06 3.02 -27.77
O1 PEG F . 10.82 4.14 -28.17
C2 PEG F . 10.86 1.83 -27.24
O2 PEG F . 11.55 2.15 -26.05
C3 PEG F . 11.25 1.38 -24.92
C4 PEG F . 11.81 2.10 -23.71
O4 PEG F . 10.86 2.32 -22.67
#